data_3LGD
#
_entry.id   3LGD
#
_cell.length_a   63.212
_cell.length_b   73.099
_cell.length_c   80.662
_cell.angle_alpha   113.38
_cell.angle_beta   94.18
_cell.angle_gamma   92.16
#
_symmetry.space_group_name_H-M   'P 1'
#
loop_
_entity.id
_entity.type
_entity.pdbx_description
1 polymer 'Adenosine deaminase CECR1'
2 non-polymer 2-acetamido-2-deoxy-beta-D-glucopyranose
3 non-polymer 'ZINC ION'
4 non-polymer 1,2-ETHANEDIOL
5 non-polymer 'UNKNOWN ATOM OR ION'
6 water water
#
_entity_poly.entity_id   1
_entity_poly.type   'polypeptide(L)'
_entity_poly.pdbx_seq_one_letter_code
;GGSIDETRAHLLLKEKMMRLGGRLVLNTKEELANERLMTLKIAEMKEAMRTLIFPPSMHFFQAKHLIERSQVFNILRMMP
KGAALHLHDIGIVTMDWLVRNVTYRPHCHICFTPRGIMQFRFAHPTPRPSEKCSKWILLEDYRKRVQNVTEFDDSLLRNF
TLVTQHPEVIYTNQNVVWSKFETIFFTISGLIHYAPVFRDYVFRSMQEFYEDNVLYMEIRARLLPVYELSGEHHDEEWSV
KTYQEVAQKFVETHPEFIGIKIIYSDHRSKDVAVIAESIRMAMGLRIKFPTVVAGFDLVGHEDTGHSLHDYKEALMIPAK
DGVKLPYFFHAGETDWQGTSIDRNILDALMLNTTRIGHGFALSKHPAVRTYSWKKDIPIEVCPISNQVLKLVSDLRNHPV
ATLMATGHPMVISSDDPAMFGAKGLSYDFYEVFMGIGGMKADLRTLKQLAMNSIKYSTLLESEKNTFMEIWKKRWDKFIA
DVATKGSLHHILDAQKMVWNHRHHHHHH
;
_entity_poly.pdbx_strand_id   A,B
#
loop_
_chem_comp.id
_chem_comp.type
_chem_comp.name
_chem_comp.formula
EDO non-polymer 1,2-ETHANEDIOL 'C2 H6 O2'
NAG D-saccharide, beta linking 2-acetamido-2-deoxy-beta-D-glucopyranose 'C8 H15 N O6'
UNX non-polymer 'UNKNOWN ATOM OR ION' ?
ZN non-polymer 'ZINC ION' 'Zn 2'
#
# COMPACT_ATOMS: atom_id res chain seq x y z
N SER A 3 30.97 -9.34 17.23
CA SER A 3 31.03 -9.58 15.76
C SER A 3 29.66 -9.70 15.10
N ILE A 4 28.69 -10.29 15.80
CA ILE A 4 27.30 -10.26 15.31
C ILE A 4 26.79 -8.85 15.55
N ASP A 5 27.20 -8.30 16.70
CA ASP A 5 26.98 -6.92 17.07
C ASP A 5 27.55 -5.98 16.00
N GLU A 6 28.66 -6.38 15.38
CA GLU A 6 29.27 -5.64 14.27
C GLU A 6 28.49 -5.83 12.96
N THR A 7 27.99 -7.05 12.73
CA THR A 7 27.15 -7.35 11.55
C THR A 7 25.89 -6.46 11.55
N ARG A 8 25.22 -6.38 12.70
CA ARG A 8 24.05 -5.54 12.90
C ARG A 8 24.37 -4.06 12.66
N ALA A 9 25.54 -3.61 13.13
CA ALA A 9 25.94 -2.21 12.93
C ALA A 9 26.15 -1.92 11.46
N HIS A 10 26.73 -2.90 10.75
CA HIS A 10 27.08 -2.77 9.36
C HIS A 10 25.81 -2.67 8.46
N LEU A 11 24.82 -3.55 8.71
CA LEU A 11 23.56 -3.55 7.96
C LEU A 11 22.83 -2.20 8.14
N LEU A 12 22.75 -1.71 9.37
CA LEU A 12 22.17 -0.40 9.62
C LEU A 12 22.89 0.76 8.93
N LEU A 13 24.23 0.68 8.86
CA LEU A 13 25.02 1.73 8.22
C LEU A 13 24.90 1.64 6.72
N LYS A 14 24.89 0.42 6.18
CA LYS A 14 24.66 0.27 4.76
C LYS A 14 23.31 0.92 4.35
N GLU A 15 22.26 0.72 5.15
CA GLU A 15 20.95 1.31 4.81
C GLU A 15 20.93 2.84 4.95
N LYS A 16 21.66 3.33 5.95
CA LYS A 16 21.81 4.77 6.15
C LYS A 16 22.46 5.45 4.95
N MET A 17 23.48 4.79 4.41
CA MET A 17 24.22 5.29 3.25
C MET A 17 23.47 5.19 1.93
N MET A 18 22.64 4.16 1.77
CA MET A 18 21.95 3.98 0.47
C MET A 18 20.61 4.71 0.28
N ARG A 19 19.89 5.00 1.37
CA ARG A 19 18.68 5.80 1.25
C ARG A 19 18.97 7.18 0.66
N LEU A 20 17.92 7.80 0.11
CA LEU A 20 18.05 9.05 -0.61
C LEU A 20 18.76 10.09 0.25
N GLY A 21 19.84 10.65 -0.31
CA GLY A 21 20.62 11.69 0.37
C GLY A 21 21.64 11.19 1.38
N GLY A 22 21.73 9.87 1.54
CA GLY A 22 22.50 9.25 2.62
C GLY A 22 23.99 9.55 2.60
N ARG A 23 24.54 9.75 1.40
CA ARG A 23 25.97 10.00 1.26
C ARG A 23 26.34 11.51 1.27
N LEU A 24 25.34 12.38 1.41
CA LEU A 24 25.56 13.83 1.47
C LEU A 24 26.32 14.24 2.75
N VAL A 25 27.28 15.15 2.60
CA VAL A 25 28.05 15.70 3.73
C VAL A 25 27.40 16.99 4.25
N LEU A 26 27.08 17.02 5.53
CA LEU A 26 26.53 18.19 6.19
C LEU A 26 27.65 18.98 6.87
N ASN A 27 27.56 20.31 6.86
CA ASN A 27 28.45 21.14 7.66
C ASN A 27 27.93 21.26 9.09
N THR A 28 28.68 21.93 9.95
CA THR A 28 28.38 21.90 11.37
C THR A 28 27.05 22.60 11.68
N LYS A 29 26.76 23.67 10.95
CA LYS A 29 25.48 24.38 11.06
C LYS A 29 24.26 23.54 10.59
N GLU A 30 24.47 22.77 9.51
CA GLU A 30 23.49 21.79 9.03
C GLU A 30 23.28 20.62 10.00
N GLU A 31 24.37 20.13 10.61
CA GLU A 31 24.23 19.09 11.64
C GLU A 31 23.34 19.57 12.78
N LEU A 32 23.54 20.81 13.22
CA LEU A 32 22.67 21.40 14.23
C LEU A 32 21.19 21.52 13.77
N ALA A 33 20.96 22.00 12.55
CA ALA A 33 19.62 22.10 11.99
C ALA A 33 18.95 20.72 11.93
N ASN A 34 19.70 19.72 11.46
CA ASN A 34 19.23 18.33 11.46
C ASN A 34 18.81 17.80 12.83
N GLU A 35 19.63 18.11 13.84
CA GLU A 35 19.38 17.63 15.18
C GLU A 35 18.06 18.20 15.68
N ARG A 36 17.83 19.48 15.43
CA ARG A 36 16.60 20.14 15.86
C ARG A 36 15.36 19.64 15.08
N LEU A 37 15.49 19.52 13.76
CA LEU A 37 14.34 19.10 12.93
C LEU A 37 13.97 17.65 13.29
N MET A 38 14.98 16.80 13.42
CA MET A 38 14.76 15.39 13.81
C MET A 38 14.17 15.25 15.22
N THR A 39 14.56 16.12 16.16
CA THR A 39 13.98 16.10 17.49
C THR A 39 12.47 16.33 17.40
N LEU A 40 12.07 17.35 16.63
CA LEU A 40 10.63 17.64 16.39
C LEU A 40 9.91 16.53 15.62
N LYS A 41 10.57 15.98 14.59
CA LYS A 41 10.00 14.88 13.80
C LYS A 41 9.78 13.65 14.66
N ILE A 42 10.79 13.25 15.44
CA ILE A 42 10.67 12.09 16.32
C ILE A 42 9.56 12.25 17.37
N ALA A 43 9.47 13.42 17.98
CA ALA A 43 8.39 13.75 18.93
C ALA A 43 7.01 13.71 18.28
N GLU A 44 6.90 14.20 17.04
CA GLU A 44 5.59 14.13 16.40
C GLU A 44 5.26 12.66 16.13
N MET A 45 6.26 11.92 15.69
CA MET A 45 6.06 10.49 15.38
C MET A 45 5.75 9.65 16.61
N LYS A 46 6.43 9.94 17.71
CA LYS A 46 6.13 9.20 18.95
C LYS A 46 4.71 9.42 19.40
N GLU A 47 4.24 10.66 19.35
CA GLU A 47 2.86 10.97 19.70
C GLU A 47 1.85 10.30 18.75
N ALA A 48 2.19 10.23 17.46
CA ALA A 48 1.34 9.56 16.48
C ALA A 48 1.28 8.05 16.73
N MET A 49 2.41 7.45 17.11
CA MET A 49 2.45 6.03 17.47
C MET A 49 1.62 5.71 18.72
N ARG A 50 1.56 6.65 19.68
CA ARG A 50 0.71 6.53 20.87
C ARG A 50 -0.79 6.54 20.50
N THR A 51 -1.23 7.50 19.68
CA THR A 51 -2.67 7.72 19.42
C THR A 51 -3.19 7.13 18.12
N LEU A 52 -2.27 6.81 17.21
CA LEU A 52 -2.61 6.45 15.82
C LEU A 52 -3.26 7.59 15.06
N ILE A 53 -3.13 8.82 15.56
CA ILE A 53 -3.49 9.98 14.75
C ILE A 53 -2.23 10.38 13.98
N PHE A 54 -2.12 9.91 12.73
CA PHE A 54 -0.90 10.09 11.95
C PHE A 54 -1.28 10.62 10.58
N PRO A 55 -1.04 11.92 10.35
CA PRO A 55 -1.66 12.54 9.18
C PRO A 55 -1.43 11.82 7.83
N PRO A 56 -0.19 11.37 7.50
CA PRO A 56 -0.04 10.64 6.21
C PRO A 56 -0.86 9.36 6.09
N SER A 57 -1.27 8.76 7.21
CA SER A 57 -2.07 7.55 7.20
C SER A 57 -3.58 7.86 7.12
N MET A 58 -3.95 9.13 7.22
CA MET A 58 -5.35 9.57 7.08
C MET A 58 -5.54 10.19 5.70
N HIS A 59 -6.79 10.29 5.24
CA HIS A 59 -7.10 10.96 3.97
C HIS A 59 -6.74 12.44 4.11
N PHE A 60 -6.03 12.98 3.11
CA PHE A 60 -5.56 14.37 3.15
C PHE A 60 -6.66 15.43 3.51
N PHE A 61 -7.90 15.22 3.06
CA PHE A 61 -8.99 16.16 3.38
C PHE A 61 -9.21 16.28 4.89
N GLN A 62 -9.04 15.18 5.60
CA GLN A 62 -9.20 15.16 7.05
C GLN A 62 -7.87 15.39 7.75
N ALA A 63 -6.74 15.14 7.08
CA ALA A 63 -5.42 15.30 7.70
C ALA A 63 -4.87 16.74 7.63
N LYS A 64 -5.37 17.50 6.66
CA LYS A 64 -4.83 18.83 6.35
C LYS A 64 -4.72 19.75 7.57
N HIS A 65 -5.82 19.89 8.31
CA HIS A 65 -5.83 20.79 9.46
C HIS A 65 -4.78 20.39 10.51
N LEU A 66 -4.49 19.09 10.61
CA LEU A 66 -3.47 18.60 11.53
C LEU A 66 -2.08 18.87 11.01
N ILE A 67 -1.90 18.75 9.69
CA ILE A 67 -0.59 18.99 9.07
C ILE A 67 -0.22 20.44 9.29
N GLU A 68 -1.23 21.31 9.24
CA GLU A 68 -1.01 22.76 9.36
C GLU A 68 -0.56 23.19 10.77
N ARG A 69 -0.82 22.33 11.73
CA ARG A 69 -0.42 22.53 13.12
C ARG A 69 0.91 21.86 13.44
N SER A 70 1.53 21.21 12.45
CA SER A 70 2.79 20.48 12.66
C SER A 70 3.99 21.42 12.60
N GLN A 71 4.90 21.25 13.55
CA GLN A 71 6.14 22.04 13.61
C GLN A 71 7.08 21.63 12.48
N VAL A 72 7.01 20.36 12.08
CA VAL A 72 7.73 19.87 10.89
C VAL A 72 7.18 20.52 9.61
N PHE A 73 5.85 20.57 9.46
CA PHE A 73 5.24 21.30 8.36
C PHE A 73 5.68 22.78 8.29
N ASN A 74 5.75 23.43 9.45
CA ASN A 74 6.20 24.83 9.54
C ASN A 74 7.62 25.00 8.99
N ILE A 75 8.52 24.09 9.37
CA ILE A 75 9.89 24.09 8.85
C ILE A 75 9.93 23.80 7.32
N LEU A 76 9.12 22.84 6.88
CA LEU A 76 9.08 22.51 5.43
C LEU A 76 8.57 23.67 4.57
N ARG A 77 7.60 24.40 5.08
CA ARG A 77 7.10 25.63 4.47
C ARG A 77 8.18 26.67 4.18
N MET A 78 9.08 26.85 5.15
CA MET A 78 10.22 27.79 5.09
C MET A 78 11.37 27.29 4.22
N MET A 79 11.45 25.97 4.03
CA MET A 79 12.52 25.39 3.23
C MET A 79 12.46 25.84 1.76
N PRO A 80 13.61 26.26 1.18
CA PRO A 80 13.62 26.44 -0.29
C PRO A 80 13.66 25.07 -0.93
N LYS A 81 12.56 24.69 -1.56
CA LYS A 81 12.38 23.34 -2.11
C LYS A 81 12.92 23.17 -3.55
N GLY A 82 13.40 24.26 -4.16
CA GLY A 82 13.95 24.22 -5.51
C GLY A 82 12.87 24.48 -6.57
N ALA A 83 12.49 23.44 -7.31
CA ALA A 83 11.57 23.54 -8.45
C ALA A 83 10.33 22.60 -8.35
N ALA A 84 9.20 23.07 -8.88
CA ALA A 84 8.00 22.24 -9.04
C ALA A 84 7.92 21.76 -10.50
N LEU A 85 8.25 20.48 -10.73
CA LEU A 85 8.40 19.90 -12.08
C LEU A 85 7.17 19.14 -12.66
N HIS A 86 6.17 18.84 -11.83
CA HIS A 86 4.95 18.14 -12.28
C HIS A 86 3.72 18.89 -11.80
N LEU A 87 3.16 19.72 -12.67
CA LEU A 87 1.99 20.57 -12.35
C LEU A 87 1.17 20.65 -13.61
N HIS A 88 -0.14 20.81 -13.45
CA HIS A 88 -1.07 21.02 -14.58
C HIS A 88 -1.59 22.44 -14.58
N ASP A 89 -1.86 22.96 -15.77
CA ASP A 89 -2.27 24.35 -16.04
C ASP A 89 -3.35 24.95 -15.17
N ILE A 90 -4.40 24.20 -14.84
CA ILE A 90 -5.53 24.82 -14.15
C ILE A 90 -5.80 24.30 -12.73
N GLY A 91 -4.80 23.66 -12.13
CA GLY A 91 -4.94 23.17 -10.77
C GLY A 91 -3.97 23.77 -9.77
N ILE A 92 -3.41 24.93 -10.08
CA ILE A 92 -2.25 25.44 -9.34
C ILE A 92 -2.49 26.78 -8.63
N VAL A 93 -3.77 27.20 -8.56
CA VAL A 93 -4.15 28.45 -7.88
C VAL A 93 -5.31 28.15 -6.94
N THR A 94 -5.14 28.48 -5.66
CA THR A 94 -6.18 28.29 -4.66
C THR A 94 -7.55 28.75 -5.17
N MET A 95 -8.56 27.89 -5.00
CA MET A 95 -9.86 28.12 -5.65
C MET A 95 -10.67 29.28 -5.07
N ASP A 96 -10.37 29.65 -3.83
CA ASP A 96 -10.95 30.79 -3.13
C ASP A 96 -10.95 32.06 -3.99
N TRP A 97 -9.79 32.35 -4.60
CA TRP A 97 -9.62 33.51 -5.48
C TRP A 97 -10.48 33.42 -6.74
N LEU A 98 -10.68 32.21 -7.27
CA LEU A 98 -11.57 32.04 -8.41
C LEU A 98 -12.97 32.49 -8.04
N VAL A 99 -13.42 32.13 -6.83
CA VAL A 99 -14.77 32.48 -6.37
C VAL A 99 -14.88 33.96 -5.96
N ARG A 100 -14.06 34.36 -4.99
CA ARG A 100 -14.21 35.67 -4.32
C ARG A 100 -13.83 36.85 -5.22
N ASN A 101 -12.86 36.61 -6.08
CA ASN A 101 -12.38 37.63 -6.99
C ASN A 101 -12.97 37.44 -8.40
N VAL A 102 -12.72 36.30 -9.03
CA VAL A 102 -13.02 36.14 -10.46
C VAL A 102 -14.53 36.17 -10.81
N THR A 103 -15.37 35.48 -10.04
CA THR A 103 -16.82 35.44 -10.33
C THR A 103 -17.53 36.76 -9.96
N TYR A 104 -16.79 37.66 -9.33
CA TYR A 104 -17.29 39.00 -9.01
C TYR A 104 -16.89 40.04 -10.05
N ARG A 105 -16.17 39.61 -11.08
CA ARG A 105 -15.71 40.50 -12.16
C ARG A 105 -16.85 40.81 -13.13
N PRO A 106 -16.79 42.00 -13.78
CA PRO A 106 -17.82 42.38 -14.74
C PRO A 106 -18.03 41.34 -15.84
N HIS A 107 -19.28 41.11 -16.24
CA HIS A 107 -19.68 40.26 -17.37
C HIS A 107 -19.58 38.74 -17.11
N CYS A 108 -19.35 38.36 -15.84
CA CYS A 108 -19.37 36.92 -15.49
C CYS A 108 -20.77 36.31 -15.50
N HIS A 109 -20.96 35.28 -16.30
CA HIS A 109 -22.23 34.55 -16.34
C HIS A 109 -22.05 33.12 -15.81
N ILE A 110 -23.14 32.60 -15.24
CA ILE A 110 -23.23 31.21 -14.77
C ILE A 110 -24.36 30.50 -15.51
N CYS A 111 -24.20 29.20 -15.71
CA CYS A 111 -25.23 28.35 -16.30
C CYS A 111 -25.13 26.95 -15.70
N PHE A 112 -26.19 26.14 -15.89
CA PHE A 112 -26.21 24.71 -15.56
C PHE A 112 -26.69 23.90 -16.76
N THR A 113 -25.90 22.90 -17.15
CA THR A 113 -26.24 21.99 -18.27
C THR A 113 -27.56 21.21 -18.05
N PRO A 114 -28.11 20.60 -19.12
CA PRO A 114 -29.18 19.59 -18.94
C PRO A 114 -28.88 18.55 -17.85
N ARG A 115 -27.66 18.02 -17.80
CA ARG A 115 -27.26 17.11 -16.73
C ARG A 115 -27.15 17.81 -15.36
N GLY A 116 -27.03 19.13 -15.36
CA GLY A 116 -26.93 19.90 -14.11
C GLY A 116 -25.53 20.34 -13.74
N ILE A 117 -24.61 20.34 -14.71
CA ILE A 117 -23.22 20.71 -14.45
C ILE A 117 -23.00 22.22 -14.58
N MET A 118 -22.46 22.82 -13.53
CA MET A 118 -22.13 24.24 -13.52
C MET A 118 -21.09 24.59 -14.61
N GLN A 119 -21.30 25.73 -15.26
CA GLN A 119 -20.33 26.30 -16.19
C GLN A 119 -20.42 27.83 -16.19
N PHE A 120 -19.37 28.48 -16.69
CA PHE A 120 -19.25 29.92 -16.66
C PHE A 120 -18.81 30.47 -18.02
N ARG A 121 -19.19 31.73 -18.26
CA ARG A 121 -18.76 32.44 -19.46
C ARG A 121 -18.75 33.96 -19.23
N PHE A 122 -17.64 34.59 -19.57
CA PHE A 122 -17.56 36.04 -19.61
C PHE A 122 -18.05 36.46 -20.98
N ALA A 123 -19.05 37.34 -21.04
CA ALA A 123 -19.68 37.73 -22.31
C ALA A 123 -20.48 39.04 -22.23
N HIS A 124 -20.57 39.73 -23.36
CA HIS A 124 -21.44 40.90 -23.51
C HIS A 124 -21.95 40.97 -24.96
N PRO A 125 -23.28 40.95 -25.15
CA PRO A 125 -24.32 40.80 -24.15
C PRO A 125 -24.45 39.34 -23.68
N THR A 126 -25.44 39.09 -22.85
CA THR A 126 -25.77 37.73 -22.43
C THR A 126 -25.78 36.78 -23.63
N PRO A 127 -24.99 35.70 -23.56
CA PRO A 127 -24.97 34.77 -24.69
C PRO A 127 -26.35 34.15 -24.92
N ARG A 128 -26.64 33.79 -26.16
CA ARG A 128 -27.92 33.14 -26.50
C ARG A 128 -27.93 31.66 -26.11
N PRO A 129 -29.11 31.12 -25.75
CA PRO A 129 -29.23 29.71 -25.40
C PRO A 129 -28.63 28.82 -26.48
N SER A 130 -27.79 27.87 -26.06
CA SER A 130 -27.23 26.86 -26.95
C SER A 130 -27.79 25.51 -26.54
N GLU A 131 -27.16 24.43 -27.01
CA GLU A 131 -27.61 23.08 -26.68
C GLU A 131 -27.07 22.62 -25.33
N LYS A 132 -25.92 23.18 -24.93
CA LYS A 132 -25.34 22.90 -23.61
C LYS A 132 -25.79 23.88 -22.50
N CYS A 133 -26.65 24.84 -22.85
CA CYS A 133 -27.10 25.85 -21.88
C CYS A 133 -28.45 26.49 -22.24
N SER A 134 -29.48 26.19 -21.45
CA SER A 134 -30.84 26.70 -21.74
C SER A 134 -30.94 28.21 -21.53
N LYS A 135 -30.35 28.72 -20.44
CA LYS A 135 -30.09 30.16 -20.34
C LYS A 135 -28.89 30.53 -19.48
N TRP A 136 -28.11 31.50 -19.94
CA TRP A 136 -27.03 32.11 -19.17
C TRP A 136 -27.56 33.22 -18.27
N ILE A 137 -27.07 33.28 -17.05
CA ILE A 137 -27.49 34.32 -16.13
C ILE A 137 -26.29 35.08 -15.61
N LEU A 138 -26.36 36.40 -15.76
CA LEU A 138 -25.39 37.32 -15.22
C LEU A 138 -25.30 37.11 -13.72
N LEU A 139 -24.08 36.87 -13.24
CA LEU A 139 -23.83 36.56 -11.84
C LEU A 139 -24.26 37.72 -10.93
N GLU A 140 -24.07 38.95 -11.40
CA GLU A 140 -24.60 40.12 -10.68
C GLU A 140 -26.09 40.02 -10.41
N ASP A 141 -26.87 39.69 -11.44
CA ASP A 141 -28.33 39.52 -11.29
C ASP A 141 -28.69 38.36 -10.36
N TYR A 142 -27.97 37.25 -10.47
CA TYR A 142 -28.21 36.06 -9.67
C TYR A 142 -28.05 36.36 -8.18
N ARG A 143 -26.97 37.04 -7.83
CA ARG A 143 -26.66 37.34 -6.43
C ARG A 143 -27.64 38.36 -5.81
N LYS A 144 -28.32 39.14 -6.65
CA LYS A 144 -29.37 40.04 -6.20
C LYS A 144 -30.59 39.24 -5.75
N ARG A 145 -30.76 38.05 -6.31
CA ARG A 145 -31.94 37.22 -6.05
C ARG A 145 -31.76 36.09 -5.02
N VAL A 146 -30.56 35.90 -4.47
CA VAL A 146 -30.38 34.86 -3.46
C VAL A 146 -30.49 35.41 -2.03
N GLN A 147 -31.08 34.59 -1.17
CA GLN A 147 -31.39 34.98 0.20
C GLN A 147 -30.12 35.15 1.06
N ASN A 148 -29.12 34.28 0.83
CA ASN A 148 -27.85 34.29 1.55
C ASN A 148 -26.66 34.12 0.58
N VAL A 149 -26.01 35.24 0.29
CA VAL A 149 -24.93 35.29 -0.69
C VAL A 149 -23.73 34.45 -0.24
N THR A 150 -23.40 34.55 1.05
CA THR A 150 -22.26 33.84 1.66
C THR A 150 -22.32 32.34 1.40
N GLU A 151 -23.51 31.76 1.56
CA GLU A 151 -23.76 30.33 1.32
C GLU A 151 -23.70 29.98 -0.16
N PHE A 152 -24.18 30.90 -1.01
CA PHE A 152 -24.14 30.69 -2.46
C PHE A 152 -22.69 30.62 -2.93
N ASP A 153 -21.90 31.59 -2.48
CA ASP A 153 -20.48 31.64 -2.81
C ASP A 153 -19.76 30.36 -2.34
N ASP A 154 -19.97 29.97 -1.08
CA ASP A 154 -19.41 28.71 -0.59
C ASP A 154 -19.83 27.49 -1.42
N SER A 155 -21.06 27.47 -1.91
CA SER A 155 -21.48 26.36 -2.77
C SER A 155 -20.69 26.34 -4.09
N LEU A 156 -20.29 27.52 -4.57
CA LEU A 156 -19.43 27.58 -5.75
C LEU A 156 -18.05 26.99 -5.42
N LEU A 157 -17.48 27.38 -4.29
CA LEU A 157 -16.21 26.86 -3.84
C LEU A 157 -16.21 25.33 -3.73
N ARG A 158 -17.34 24.75 -3.27
CA ARG A 158 -17.49 23.28 -3.20
C ARG A 158 -17.53 22.60 -4.55
N ASN A 159 -18.01 23.31 -5.58
CA ASN A 159 -17.97 22.79 -6.92
C ASN A 159 -16.60 22.84 -7.56
N PHE A 160 -15.65 23.56 -6.96
CA PHE A 160 -14.35 23.82 -7.59
C PHE A 160 -13.22 22.90 -7.06
N THR A 161 -13.51 22.09 -6.03
CA THR A 161 -12.50 21.17 -5.46
C THR A 161 -13.11 19.82 -5.12
N LEU A 162 -12.25 18.82 -4.94
CA LEU A 162 -12.71 17.48 -4.52
C LEU A 162 -12.94 17.41 -3.01
N VAL A 163 -12.39 18.38 -2.30
CA VAL A 163 -12.45 18.43 -0.83
C VAL A 163 -13.87 18.17 -0.32
N THR A 164 -13.97 17.25 0.63
CA THR A 164 -15.24 16.84 1.19
C THR A 164 -15.05 16.11 2.52
N GLN A 165 -16.10 16.09 3.35
CA GLN A 165 -16.13 15.21 4.51
C GLN A 165 -16.48 13.85 3.92
N HIS A 166 -16.14 12.77 4.60
CA HIS A 166 -16.48 11.43 4.12
C HIS A 166 -16.20 11.12 2.63
N PRO A 167 -14.95 11.34 2.19
CA PRO A 167 -14.60 11.06 0.80
C PRO A 167 -14.72 9.57 0.47
N GLU A 168 -14.64 8.72 1.49
CA GLU A 168 -14.89 7.28 1.34
C GLU A 168 -16.34 6.98 0.93
N VAL A 169 -17.30 7.77 1.42
CA VAL A 169 -18.72 7.66 1.04
C VAL A 169 -18.96 8.36 -0.30
N ILE A 170 -18.43 9.57 -0.45
CA ILE A 170 -18.62 10.35 -1.68
C ILE A 170 -17.95 9.68 -2.90
N TYR A 171 -16.69 9.23 -2.75
CA TYR A 171 -15.97 8.67 -3.90
C TYR A 171 -15.73 7.21 -3.67
N THR A 172 -16.65 6.39 -4.17
CA THR A 172 -16.72 4.97 -3.84
C THR A 172 -15.68 4.14 -4.61
N ASN A 173 -15.24 4.64 -5.76
CA ASN A 173 -14.22 3.97 -6.58
C ASN A 173 -13.45 4.97 -7.44
N GLN A 174 -12.42 4.49 -8.14
CA GLN A 174 -11.51 5.39 -8.86
C GLN A 174 -12.17 6.06 -10.04
N ASN A 175 -13.16 5.39 -10.64
CA ASN A 175 -13.90 6.00 -11.75
C ASN A 175 -14.77 7.18 -11.30
N VAL A 176 -15.43 7.03 -10.15
CA VAL A 176 -16.25 8.12 -9.61
C VAL A 176 -15.40 9.36 -9.27
N VAL A 177 -14.27 9.15 -8.59
CA VAL A 177 -13.41 10.30 -8.27
C VAL A 177 -12.88 10.98 -9.56
N TRP A 178 -12.47 10.18 -10.55
CA TRP A 178 -12.01 10.76 -11.83
C TRP A 178 -13.11 11.52 -12.57
N SER A 179 -14.33 11.00 -12.52
CA SER A 179 -15.48 11.65 -13.15
C SER A 179 -15.74 13.02 -12.51
N LYS A 180 -15.71 13.09 -11.18
CA LYS A 180 -15.77 14.36 -10.45
C LYS A 180 -14.60 15.30 -10.77
N PHE A 181 -13.37 14.78 -10.77
CA PHE A 181 -12.12 15.52 -11.08
C PHE A 181 -12.27 16.25 -12.41
N GLU A 182 -12.56 15.47 -13.44
CA GLU A 182 -12.75 15.95 -14.82
C GLU A 182 -13.85 16.99 -14.94
N THR A 183 -14.96 16.74 -14.24
CA THR A 183 -16.07 17.69 -14.20
C THR A 183 -15.65 19.06 -13.64
N ILE A 184 -14.76 19.05 -12.64
CA ILE A 184 -14.20 20.31 -12.13
C ILE A 184 -13.46 21.10 -13.19
N PHE A 185 -12.63 20.43 -14.00
CA PHE A 185 -11.89 21.12 -15.05
C PHE A 185 -12.87 21.75 -16.04
N PHE A 186 -13.94 21.03 -16.36
CA PHE A 186 -14.98 21.56 -17.24
C PHE A 186 -15.63 22.84 -16.68
N THR A 187 -15.98 22.80 -15.39
CA THR A 187 -16.69 23.90 -14.70
C THR A 187 -15.87 25.19 -14.65
N ILE A 188 -14.62 25.10 -14.22
CA ILE A 188 -13.81 26.30 -14.02
C ILE A 188 -13.19 26.83 -15.30
N SER A 189 -13.23 26.02 -16.36
CA SER A 189 -12.52 26.35 -17.59
C SER A 189 -13.00 27.68 -18.22
N GLY A 190 -14.30 27.92 -18.24
CA GLY A 190 -14.83 29.19 -18.77
C GLY A 190 -14.39 30.40 -17.98
N LEU A 191 -14.05 30.21 -16.71
CA LEU A 191 -13.56 31.31 -15.91
C LEU A 191 -12.11 31.62 -16.28
N ILE A 192 -11.27 30.58 -16.30
CA ILE A 192 -9.82 30.75 -16.44
C ILE A 192 -9.41 31.14 -17.86
N HIS A 193 -10.13 30.64 -18.86
CA HIS A 193 -9.75 30.91 -20.26
C HIS A 193 -10.26 32.25 -20.84
N TYR A 194 -10.81 33.12 -20.00
CA TYR A 194 -11.14 34.49 -20.43
C TYR A 194 -9.83 35.26 -20.31
N ALA A 195 -9.37 35.87 -21.41
CA ALA A 195 -8.02 36.48 -21.51
C ALA A 195 -7.51 37.33 -20.33
N PRO A 196 -8.33 38.26 -19.80
CA PRO A 196 -7.78 39.03 -18.66
C PRO A 196 -7.64 38.16 -17.39
N VAL A 197 -8.52 37.18 -17.24
CA VAL A 197 -8.42 36.25 -16.10
C VAL A 197 -7.20 35.32 -16.28
N PHE A 198 -7.04 34.78 -17.49
CA PHE A 198 -5.89 33.94 -17.85
C PHE A 198 -4.55 34.57 -17.45
N ARG A 199 -4.32 35.81 -17.84
CA ARG A 199 -3.13 36.54 -17.42
C ARG A 199 -2.96 36.65 -15.90
N ASP A 200 -4.05 37.02 -15.20
CA ASP A 200 -4.07 37.16 -13.75
C ASP A 200 -3.86 35.82 -13.04
N TYR A 201 -4.38 34.75 -13.64
CA TYR A 201 -4.24 33.37 -13.12
C TYR A 201 -2.78 32.90 -13.14
N VAL A 202 -2.15 32.95 -14.32
CA VAL A 202 -0.74 32.61 -14.49
C VAL A 202 0.14 33.38 -13.47
N PHE A 203 -0.06 34.70 -13.38
CA PHE A 203 0.67 35.53 -12.40
C PHE A 203 0.47 35.07 -10.94
N ARG A 204 -0.78 34.76 -10.57
CA ARG A 204 -1.05 34.38 -9.20
C ARG A 204 -0.45 33.00 -8.85
N SER A 205 -0.41 32.09 -9.83
CA SER A 205 0.20 30.77 -9.59
C SER A 205 1.71 30.92 -9.29
N MET A 206 2.35 31.85 -9.97
CA MET A 206 3.73 32.17 -9.63
C MET A 206 3.81 32.81 -8.25
N GLN A 207 2.86 33.68 -7.88
CA GLN A 207 2.88 34.30 -6.57
C GLN A 207 2.78 33.23 -5.49
N GLU A 208 1.85 32.29 -5.67
CA GLU A 208 1.63 31.21 -4.68
C GLU A 208 2.85 30.28 -4.50
N PHE A 209 3.48 29.86 -5.59
CA PHE A 209 4.69 29.03 -5.45
C PHE A 209 5.88 29.81 -4.86
N TYR A 210 6.03 31.07 -5.27
CA TYR A 210 7.10 31.91 -4.77
C TYR A 210 6.99 32.02 -3.25
N GLU A 211 5.78 32.31 -2.77
CA GLU A 211 5.46 32.44 -1.35
C GLU A 211 5.81 31.16 -0.57
N ASP A 212 5.66 30.00 -1.24
CA ASP A 212 5.98 28.70 -0.67
C ASP A 212 7.47 28.38 -0.86
N ASN A 213 8.28 29.40 -1.21
CA ASN A 213 9.76 29.23 -1.41
C ASN A 213 10.11 28.24 -2.56
N VAL A 214 9.32 28.30 -3.64
CA VAL A 214 9.58 27.55 -4.88
C VAL A 214 9.93 28.54 -5.99
N LEU A 215 11.05 28.33 -6.67
CA LEU A 215 11.59 29.36 -7.57
C LEU A 215 11.49 29.06 -9.08
N TYR A 216 10.91 27.91 -9.45
CA TYR A 216 10.85 27.51 -10.87
C TYR A 216 9.71 26.52 -11.03
N MET A 217 8.91 26.67 -12.10
CA MET A 217 7.78 25.76 -12.41
C MET A 217 7.85 25.22 -13.84
N GLU A 218 7.65 23.92 -14.03
CA GLU A 218 7.34 23.39 -15.38
C GLU A 218 5.91 22.85 -15.33
N ILE A 219 5.11 23.27 -16.32
CA ILE A 219 3.67 23.10 -16.29
C ILE A 219 3.22 22.30 -17.52
N ARG A 220 2.49 21.19 -17.30
CA ARG A 220 1.75 20.52 -18.40
C ARG A 220 0.53 21.38 -18.74
N ALA A 221 0.48 21.86 -19.97
CA ALA A 221 -0.54 22.81 -20.37
C ALA A 221 -1.24 22.27 -21.59
N ARG A 222 -2.57 22.20 -21.52
CA ARG A 222 -3.38 21.79 -22.68
C ARG A 222 -3.46 22.90 -23.75
N LEU A 223 -3.14 24.12 -23.34
CA LEU A 223 -3.23 25.31 -24.21
C LEU A 223 -4.59 25.34 -24.96
N LEU A 224 -5.67 25.29 -24.22
CA LEU A 224 -6.98 25.35 -24.83
C LEU A 224 -7.24 26.82 -25.18
N PRO A 225 -8.19 27.09 -26.11
CA PRO A 225 -8.37 28.46 -26.61
C PRO A 225 -8.71 29.45 -25.51
N VAL A 226 -7.95 30.55 -25.47
CA VAL A 226 -8.23 31.64 -24.57
C VAL A 226 -9.08 32.61 -25.40
N TYR A 227 -10.15 33.14 -24.80
CA TYR A 227 -11.15 33.95 -25.51
C TYR A 227 -11.29 35.40 -25.01
N GLU A 228 -11.84 36.27 -25.87
CA GLU A 228 -12.09 37.69 -25.50
C GLU A 228 -13.60 37.97 -25.41
N LEU A 229 -13.99 39.08 -24.79
CA LEU A 229 -15.40 39.50 -24.72
C LEU A 229 -15.99 39.64 -26.12
N SER A 230 -15.14 40.09 -27.04
CA SER A 230 -15.51 40.29 -28.43
C SER A 230 -15.89 38.97 -29.11
N GLY A 231 -15.80 37.87 -28.38
CA GLY A 231 -16.07 36.53 -28.95
C GLY A 231 -14.90 35.84 -29.66
N GLU A 232 -13.87 36.61 -30.02
CA GLU A 232 -12.61 36.05 -30.61
C GLU A 232 -11.93 35.01 -29.69
N HIS A 233 -11.31 34.00 -30.32
CA HIS A 233 -10.49 33.00 -29.61
C HIS A 233 -9.05 33.05 -30.11
N HIS A 234 -8.10 32.95 -29.19
CA HIS A 234 -6.68 32.88 -29.55
C HIS A 234 -6.24 31.43 -29.80
N ASP A 235 -5.00 31.24 -30.25
CA ASP A 235 -4.48 29.92 -30.53
C ASP A 235 -3.30 29.51 -29.58
N GLU A 236 -2.69 28.36 -29.85
CA GLU A 236 -1.68 27.79 -28.97
C GLU A 236 -0.46 28.71 -28.82
N GLU A 237 0.01 29.22 -29.97
CA GLU A 237 1.13 30.13 -30.01
C GLU A 237 0.89 31.36 -29.14
N TRP A 238 -0.30 31.94 -29.25
CA TRP A 238 -0.68 33.07 -28.39
C TRP A 238 -0.57 32.73 -26.87
N SER A 239 -1.00 31.54 -26.49
CA SER A 239 -0.98 31.14 -25.07
C SER A 239 0.44 30.99 -24.55
N VAL A 240 1.30 30.36 -25.35
CA VAL A 240 2.72 30.22 -25.02
C VAL A 240 3.44 31.58 -24.91
N LYS A 241 3.13 32.50 -25.83
CA LYS A 241 3.62 33.88 -25.75
C LYS A 241 3.15 34.54 -24.47
N THR A 242 1.89 34.33 -24.13
CA THR A 242 1.31 34.92 -22.94
C THR A 242 1.97 34.39 -21.65
N TYR A 243 2.20 33.08 -21.56
CA TYR A 243 2.93 32.47 -20.42
C TYR A 243 4.32 33.09 -20.26
N GLN A 244 5.03 33.18 -21.39
CA GLN A 244 6.35 33.78 -21.41
C GLN A 244 6.28 35.26 -20.96
N GLU A 245 5.34 36.04 -21.51
CA GLU A 245 5.20 37.45 -21.13
C GLU A 245 4.87 37.65 -19.66
N VAL A 246 3.97 36.84 -19.12
CA VAL A 246 3.56 37.00 -17.71
C VAL A 246 4.70 36.56 -16.79
N ALA A 247 5.40 35.48 -17.18
CA ALA A 247 6.56 35.01 -16.40
C ALA A 247 7.70 36.04 -16.40
N GLN A 248 7.98 36.65 -17.56
CA GLN A 248 8.95 37.76 -17.63
C GLN A 248 8.59 38.94 -16.71
N LYS A 249 7.32 39.30 -16.68
CA LYS A 249 6.78 40.33 -15.80
C LYS A 249 6.97 40.01 -14.28
N PHE A 250 6.64 38.78 -13.90
CA PHE A 250 6.86 38.29 -12.55
C PHE A 250 8.35 38.34 -12.14
N VAL A 251 9.25 37.92 -13.03
CA VAL A 251 10.68 37.90 -12.74
C VAL A 251 11.23 39.33 -12.50
N GLU A 252 10.68 40.30 -13.22
CA GLU A 252 11.04 41.73 -13.03
C GLU A 252 10.96 42.18 -11.59
N THR A 253 9.91 41.79 -10.89
CA THR A 253 9.77 42.15 -9.48
C THR A 253 10.17 41.05 -8.49
N HIS A 254 10.51 39.87 -9.02
CA HIS A 254 10.95 38.75 -8.20
C HIS A 254 12.23 38.15 -8.80
N PRO A 255 13.37 38.84 -8.62
CA PRO A 255 14.61 38.51 -9.35
C PRO A 255 15.21 37.14 -9.06
N GLU A 256 14.88 36.53 -7.92
CA GLU A 256 15.35 35.17 -7.64
C GLU A 256 14.44 34.08 -8.27
N PHE A 257 13.26 34.46 -8.74
CA PHE A 257 12.39 33.52 -9.44
C PHE A 257 13.02 33.25 -10.83
N ILE A 258 13.16 31.97 -11.17
CA ILE A 258 13.82 31.58 -12.41
C ILE A 258 12.86 31.72 -13.60
N GLY A 259 11.58 31.40 -13.41
CA GLY A 259 10.57 31.49 -14.47
C GLY A 259 9.80 30.19 -14.65
N ILE A 260 9.14 30.03 -15.80
CA ILE A 260 8.38 28.81 -16.06
C ILE A 260 8.66 28.23 -17.43
N LYS A 261 8.54 26.91 -17.56
CA LYS A 261 8.47 26.30 -18.89
C LYS A 261 7.19 25.51 -19.06
N ILE A 262 6.84 25.28 -20.32
CA ILE A 262 5.59 24.63 -20.68
C ILE A 262 5.88 23.27 -21.31
N ILE A 263 5.16 22.25 -20.84
CA ILE A 263 5.13 20.95 -21.48
C ILE A 263 3.76 20.86 -22.10
N TYR A 264 3.70 20.90 -23.42
CA TYR A 264 2.42 20.83 -24.11
C TYR A 264 1.82 19.44 -23.94
N SER A 265 0.55 19.37 -23.56
CA SER A 265 -0.11 18.07 -23.30
C SER A 265 -1.44 17.95 -24.06
N ASP A 266 -1.84 16.71 -24.35
CA ASP A 266 -3.16 16.43 -24.93
C ASP A 266 -3.75 15.19 -24.27
N HIS A 267 -5.06 15.05 -24.34
CA HIS A 267 -5.80 14.03 -23.59
C HIS A 267 -5.67 12.63 -24.22
N ARG A 268 -5.39 11.63 -23.37
CA ARG A 268 -5.17 10.26 -23.86
C ARG A 268 -6.48 9.50 -24.20
N SER A 269 -7.63 10.17 -24.19
CA SER A 269 -8.88 9.52 -24.71
C SER A 269 -8.99 9.68 -26.24
N LYS A 270 -8.14 10.53 -26.82
CA LYS A 270 -8.23 10.95 -28.22
C LYS A 270 -7.66 9.93 -29.24
N ASP A 271 -8.15 9.98 -30.49
CA ASP A 271 -7.69 9.02 -31.52
C ASP A 271 -6.25 9.31 -31.92
N VAL A 272 -5.54 8.28 -32.39
CA VAL A 272 -4.11 8.42 -32.72
C VAL A 272 -3.83 9.48 -33.79
N ALA A 273 -4.75 9.62 -34.76
CA ALA A 273 -4.61 10.66 -35.79
C ALA A 273 -4.67 12.06 -35.20
N VAL A 274 -5.49 12.25 -34.17
CA VAL A 274 -5.65 13.54 -33.54
C VAL A 274 -4.39 13.85 -32.72
N ILE A 275 -3.87 12.84 -32.04
CA ILE A 275 -2.64 12.95 -31.27
C ILE A 275 -1.45 13.24 -32.20
N ALA A 276 -1.40 12.59 -33.39
CA ALA A 276 -0.35 12.88 -34.38
C ALA A 276 -0.31 14.38 -34.72
N GLU A 277 -1.50 14.99 -34.81
CA GLU A 277 -1.60 16.43 -35.03
C GLU A 277 -1.08 17.28 -33.86
N SER A 278 -1.32 16.81 -32.64
CA SER A 278 -0.77 17.47 -31.44
C SER A 278 0.74 17.39 -31.43
N ILE A 279 1.28 16.26 -31.88
CA ILE A 279 2.73 16.03 -31.96
C ILE A 279 3.37 17.03 -32.94
N ARG A 280 2.77 17.20 -34.12
CA ARG A 280 3.27 18.21 -35.08
C ARG A 280 3.22 19.62 -34.51
N MET A 281 2.08 19.96 -33.89
CA MET A 281 1.95 21.21 -33.12
C MET A 281 3.07 21.36 -32.07
N ALA A 282 3.33 20.30 -31.29
CA ALA A 282 4.46 20.28 -30.32
C ALA A 282 5.81 20.59 -30.97
N MET A 283 6.09 19.96 -32.10
CA MET A 283 7.33 20.26 -32.83
C MET A 283 7.41 21.72 -33.26
N GLY A 284 6.31 22.23 -33.81
CA GLY A 284 6.25 23.62 -34.30
C GLY A 284 6.44 24.61 -33.14
N LEU A 285 5.80 24.31 -32.02
CA LEU A 285 5.90 25.15 -30.85
C LEU A 285 7.32 25.16 -30.28
N ARG A 286 8.01 24.02 -30.36
CA ARG A 286 9.43 23.94 -29.96
C ARG A 286 10.34 24.82 -30.85
N ILE A 287 10.05 24.86 -32.15
CA ILE A 287 10.76 25.75 -33.08
C ILE A 287 10.51 27.22 -32.77
N LYS A 288 9.24 27.58 -32.58
CA LYS A 288 8.86 28.97 -32.31
C LYS A 288 9.32 29.47 -30.93
N PHE A 289 9.33 28.58 -29.92
CA PHE A 289 9.70 28.97 -28.55
C PHE A 289 10.67 27.97 -27.89
N PRO A 290 11.92 27.85 -28.40
CA PRO A 290 12.81 26.80 -27.87
C PRO A 290 13.14 27.02 -26.40
N THR A 291 12.97 28.25 -25.93
CA THR A 291 13.34 28.61 -24.57
C THR A 291 12.18 28.47 -23.55
N VAL A 292 10.96 28.26 -24.06
CA VAL A 292 9.74 28.20 -23.27
C VAL A 292 9.07 26.80 -23.28
N VAL A 293 8.98 26.16 -24.45
CA VAL A 293 8.33 24.87 -24.58
C VAL A 293 9.36 23.71 -24.43
N ALA A 294 9.27 22.96 -23.33
CA ALA A 294 10.18 21.84 -23.06
C ALA A 294 9.90 20.58 -23.88
N GLY A 295 8.65 20.33 -24.24
CA GLY A 295 8.29 19.11 -24.97
C GLY A 295 6.83 18.73 -24.77
N PHE A 296 6.54 17.41 -24.78
CA PHE A 296 5.15 16.91 -24.89
C PHE A 296 4.78 15.80 -23.89
N ASP A 297 3.50 15.69 -23.54
CA ASP A 297 3.03 14.65 -22.61
C ASP A 297 1.58 14.32 -22.95
N LEU A 298 1.12 13.17 -22.48
CA LEU A 298 -0.26 12.71 -22.64
C LEU A 298 -0.90 12.61 -21.26
N VAL A 299 -2.06 13.24 -21.08
CA VAL A 299 -2.69 13.34 -19.76
C VAL A 299 -4.09 12.74 -19.73
N GLY A 300 -4.68 12.65 -18.54
CA GLY A 300 -6.00 12.02 -18.36
C GLY A 300 -5.91 10.69 -17.61
N HIS A 301 -7.07 10.07 -17.42
CA HIS A 301 -7.19 8.84 -16.63
C HIS A 301 -6.47 7.70 -17.34
N GLU A 302 -5.39 7.25 -16.75
CA GLU A 302 -4.49 6.31 -17.44
C GLU A 302 -5.07 4.90 -17.54
N ASP A 303 -5.80 4.46 -16.52
CA ASP A 303 -6.44 3.14 -16.56
C ASP A 303 -7.46 2.97 -17.71
N THR A 304 -8.17 4.04 -18.07
CA THR A 304 -9.29 3.96 -19.01
C THR A 304 -9.00 4.54 -20.41
N GLY A 305 -7.88 5.21 -20.57
CA GLY A 305 -7.50 5.80 -21.85
C GLY A 305 -6.56 4.92 -22.64
N HIS A 306 -6.01 5.47 -23.72
CA HIS A 306 -5.07 4.76 -24.58
C HIS A 306 -3.70 4.61 -23.93
N SER A 307 -3.02 3.51 -24.27
CA SER A 307 -1.62 3.29 -23.85
C SER A 307 -0.65 4.02 -24.77
N LEU A 308 0.60 4.17 -24.31
CA LEU A 308 1.67 4.73 -25.15
C LEU A 308 1.91 3.82 -26.38
N HIS A 309 1.83 2.50 -26.18
CA HIS A 309 1.93 1.57 -27.30
C HIS A 309 0.87 1.86 -28.36
N ASP A 310 -0.39 2.05 -27.96
CA ASP A 310 -1.47 2.45 -28.86
C ASP A 310 -1.12 3.65 -29.74
N TYR A 311 -0.32 4.56 -29.18
CA TYR A 311 0.05 5.78 -29.88
C TYR A 311 1.39 5.70 -30.60
N LYS A 312 1.95 4.48 -30.73
CA LYS A 312 3.31 4.34 -31.25
C LYS A 312 3.57 5.16 -32.50
N GLU A 313 2.68 5.06 -33.50
CA GLU A 313 2.93 5.69 -34.80
C GLU A 313 2.97 7.23 -34.71
N ALA A 314 2.12 7.83 -33.87
CA ALA A 314 2.17 9.27 -33.67
C ALA A 314 3.44 9.68 -32.92
N LEU A 315 3.75 8.97 -31.84
CA LEU A 315 4.92 9.29 -30.98
C LEU A 315 6.27 9.09 -31.67
N MET A 316 6.28 8.30 -32.72
CA MET A 316 7.49 8.09 -33.52
C MET A 316 7.70 9.11 -34.65
N ILE A 317 6.70 9.99 -34.88
CA ILE A 317 6.82 11.03 -35.93
C ILE A 317 8.09 11.88 -35.86
N PRO A 318 8.39 12.50 -34.69
CA PRO A 318 9.57 13.36 -34.62
C PRO A 318 10.84 12.61 -35.07
N ALA A 319 11.01 11.38 -34.58
CA ALA A 319 12.12 10.51 -34.99
C ALA A 319 12.12 10.18 -36.49
N LYS A 320 10.95 9.79 -37.01
CA LYS A 320 10.78 9.57 -38.46
C LYS A 320 11.04 10.84 -39.29
N ASP A 321 11.05 12.02 -38.65
CA ASP A 321 11.40 13.28 -39.34
C ASP A 321 12.78 13.82 -38.96
N GLY A 322 13.59 12.99 -38.31
CA GLY A 322 14.92 13.41 -37.86
C GLY A 322 14.92 14.50 -36.79
N VAL A 323 13.86 14.57 -35.99
CA VAL A 323 13.78 15.61 -34.93
C VAL A 323 13.66 14.94 -33.55
N LYS A 324 14.37 15.52 -32.58
CA LYS A 324 14.18 15.15 -31.19
C LYS A 324 13.00 15.95 -30.60
N LEU A 325 11.91 15.28 -30.22
CA LEU A 325 10.88 15.92 -29.38
C LEU A 325 10.93 15.35 -27.96
N PRO A 326 11.39 16.15 -26.97
CA PRO A 326 11.44 15.64 -25.59
C PRO A 326 10.04 15.27 -25.05
N TYR A 327 9.97 14.14 -24.36
CA TYR A 327 8.74 13.61 -23.78
C TYR A 327 8.86 13.60 -22.25
N PHE A 328 7.72 13.83 -21.59
CA PHE A 328 7.62 13.78 -20.12
C PHE A 328 6.42 12.93 -19.74
N PHE A 329 6.41 11.67 -20.15
CA PHE A 329 5.18 10.88 -20.01
C PHE A 329 4.78 10.54 -18.59
N HIS A 330 3.53 10.90 -18.26
CA HIS A 330 2.74 10.21 -17.24
C HIS A 330 2.77 8.73 -17.56
N ALA A 331 3.16 7.90 -16.58
CA ALA A 331 3.26 6.45 -16.78
C ALA A 331 3.21 5.66 -15.49
N GLY A 332 2.39 4.61 -15.50
CA GLY A 332 2.30 3.67 -14.38
C GLY A 332 1.54 4.23 -13.20
N GLU A 333 0.64 5.18 -13.45
CA GLU A 333 -0.20 5.77 -12.42
C GLU A 333 -1.40 4.86 -12.18
N THR A 334 -1.16 3.73 -11.53
CA THR A 334 -2.13 2.65 -11.48
C THR A 334 -1.79 1.63 -10.41
N ASP A 335 -2.88 1.01 -9.92
CA ASP A 335 -2.80 -0.13 -9.00
C ASP A 335 -2.61 -1.47 -9.67
N TRP A 336 -2.80 -1.52 -11.00
CA TRP A 336 -2.72 -2.80 -11.71
C TRP A 336 -1.24 -3.15 -11.95
N GLN A 337 -0.98 -4.44 -12.07
CA GLN A 337 0.37 -4.97 -12.23
C GLN A 337 0.32 -6.03 -13.31
N GLY A 338 1.30 -6.00 -14.21
CA GLY A 338 1.40 -7.01 -15.26
C GLY A 338 0.45 -6.76 -16.41
N THR A 339 -0.06 -5.54 -16.53
CA THR A 339 -1.06 -5.19 -17.54
C THR A 339 -0.51 -4.23 -18.57
N SER A 340 -1.35 -3.89 -19.55
CA SER A 340 -0.95 -2.91 -20.56
C SER A 340 -0.76 -1.51 -19.94
N ILE A 341 -1.38 -1.26 -18.79
CA ILE A 341 -1.27 0.07 -18.18
C ILE A 341 0.09 0.31 -17.50
N ASP A 342 0.54 -0.61 -16.65
CA ASP A 342 1.87 -0.44 -16.03
C ASP A 342 3.06 -0.64 -16.98
N ARG A 343 2.83 -1.35 -18.10
CA ARG A 343 3.83 -1.38 -19.16
C ARG A 343 4.10 0.00 -19.79
N ASN A 344 3.21 0.97 -19.61
CA ASN A 344 3.51 2.34 -20.08
C ASN A 344 4.85 2.88 -19.56
N ILE A 345 5.31 2.41 -18.39
CA ILE A 345 6.60 2.88 -17.90
C ILE A 345 7.77 2.40 -18.81
N LEU A 346 7.78 1.12 -19.12
CA LEU A 346 8.75 0.56 -20.05
C LEU A 346 8.73 1.33 -21.38
N ASP A 347 7.54 1.51 -21.94
CA ASP A 347 7.34 2.20 -23.23
C ASP A 347 7.76 3.68 -23.24
N ALA A 348 7.51 4.38 -22.13
CA ALA A 348 7.99 5.74 -21.95
C ALA A 348 9.52 5.75 -22.02
N LEU A 349 10.15 4.80 -21.35
CA LEU A 349 11.62 4.68 -21.38
C LEU A 349 12.18 4.32 -22.79
N MET A 350 11.47 3.44 -23.50
CA MET A 350 11.85 3.10 -24.88
C MET A 350 11.70 4.29 -25.82
N LEU A 351 10.81 5.20 -25.49
CA LEU A 351 10.63 6.44 -26.24
C LEU A 351 11.51 7.60 -25.71
N ASN A 352 12.52 7.25 -24.91
CA ASN A 352 13.50 8.19 -24.34
C ASN A 352 12.92 9.32 -23.53
N THR A 353 11.86 9.04 -22.75
CA THR A 353 11.31 10.06 -21.89
C THR A 353 12.40 10.71 -21.00
N THR A 354 12.28 12.01 -20.76
CA THR A 354 13.24 12.76 -19.93
C THR A 354 12.93 12.54 -18.45
N ARG A 355 11.63 12.58 -18.11
CA ARG A 355 11.15 12.21 -16.76
C ARG A 355 9.90 11.32 -16.90
N ILE A 356 9.59 10.60 -15.82
CA ILE A 356 8.40 9.76 -15.77
C ILE A 356 7.49 10.38 -14.74
N GLY A 357 6.27 10.70 -15.16
CA GLY A 357 5.23 11.24 -14.27
C GLY A 357 4.60 10.13 -13.46
N HIS A 358 4.70 10.25 -12.13
CA HIS A 358 4.26 9.21 -11.14
C HIS A 358 5.13 7.96 -11.06
N GLY A 359 5.14 7.14 -12.09
CA GLY A 359 5.83 5.84 -12.06
C GLY A 359 5.48 5.02 -10.81
N PHE A 360 4.22 5.13 -10.37
CA PHE A 360 3.73 4.52 -9.14
C PHE A 360 3.96 3.01 -9.20
N ALA A 361 3.81 2.43 -10.39
CA ALA A 361 3.99 0.98 -10.60
C ALA A 361 5.45 0.53 -10.73
N LEU A 362 6.39 1.48 -10.68
CA LEU A 362 7.82 1.16 -10.96
C LEU A 362 8.47 0.09 -10.08
N SER A 363 8.20 0.12 -8.78
CA SER A 363 8.86 -0.88 -7.90
C SER A 363 8.42 -2.32 -8.18
N LYS A 364 7.32 -2.53 -8.91
CA LYS A 364 6.91 -3.90 -9.26
C LYS A 364 7.68 -4.41 -10.49
N HIS A 365 8.51 -3.56 -11.09
CA HIS A 365 9.25 -3.91 -12.32
C HIS A 365 10.74 -3.75 -12.16
N PRO A 366 11.39 -4.76 -11.58
CA PRO A 366 12.79 -4.51 -11.21
C PRO A 366 13.75 -4.31 -12.41
N ALA A 367 13.47 -4.93 -13.57
CA ALA A 367 14.30 -4.65 -14.76
C ALA A 367 14.13 -3.22 -15.26
N VAL A 368 12.88 -2.75 -15.31
CA VAL A 368 12.61 -1.35 -15.68
C VAL A 368 13.22 -0.34 -14.69
N ARG A 369 13.12 -0.68 -13.40
CA ARG A 369 13.70 0.11 -12.31
C ARG A 369 15.21 0.28 -12.52
N THR A 370 15.92 -0.84 -12.69
CA THR A 370 17.37 -0.80 -13.04
C THR A 370 17.69 0.04 -14.27
N TYR A 371 16.93 -0.14 -15.34
CA TYR A 371 17.13 0.60 -16.60
C TYR A 371 16.99 2.10 -16.35
N SER A 372 15.91 2.49 -15.68
CA SER A 372 15.65 3.87 -15.29
C SER A 372 16.78 4.45 -14.41
N TRP A 373 17.26 3.65 -13.47
CA TRP A 373 18.36 4.06 -12.60
C TRP A 373 19.65 4.28 -13.42
N LYS A 374 19.97 3.32 -14.28
CA LYS A 374 21.14 3.42 -15.15
C LYS A 374 21.14 4.61 -16.12
N LYS A 375 20.00 4.93 -16.75
CA LYS A 375 19.89 6.11 -17.63
C LYS A 375 19.63 7.42 -16.86
N ASP A 376 19.58 7.33 -15.52
CA ASP A 376 19.30 8.47 -14.66
C ASP A 376 18.00 9.23 -15.04
N ILE A 377 16.92 8.48 -15.23
CA ILE A 377 15.63 9.06 -15.58
C ILE A 377 14.77 9.01 -14.34
N PRO A 378 14.47 10.18 -13.74
CA PRO A 378 13.76 10.24 -12.48
C PRO A 378 12.25 10.02 -12.62
N ILE A 379 11.62 9.59 -11.54
CA ILE A 379 10.17 9.68 -11.39
C ILE A 379 9.81 10.99 -10.69
N GLU A 380 8.63 11.51 -11.04
CA GLU A 380 8.08 12.70 -10.42
C GLU A 380 6.96 12.22 -9.48
N VAL A 381 7.19 12.32 -8.17
CA VAL A 381 6.22 11.72 -7.24
C VAL A 381 5.25 12.76 -6.64
N CYS A 382 3.96 12.45 -6.72
CA CYS A 382 2.93 13.41 -6.28
C CYS A 382 2.05 12.67 -5.28
N PRO A 383 2.47 12.66 -3.99
CA PRO A 383 1.84 11.76 -3.03
C PRO A 383 0.35 12.06 -2.74
N ILE A 384 0.00 13.34 -2.61
CA ILE A 384 -1.37 13.72 -2.29
C ILE A 384 -2.33 13.32 -3.42
N SER A 385 -1.90 13.58 -4.64
CA SER A 385 -2.65 13.15 -5.81
C SER A 385 -2.98 11.65 -5.75
N ASN A 386 -1.97 10.82 -5.46
CA ASN A 386 -2.15 9.37 -5.38
C ASN A 386 -3.13 8.92 -4.27
N GLN A 387 -3.13 9.62 -3.14
CA GLN A 387 -4.06 9.34 -2.06
C GLN A 387 -5.50 9.77 -2.44
N VAL A 388 -5.66 11.00 -2.90
CA VAL A 388 -6.98 11.56 -3.25
C VAL A 388 -7.66 10.79 -4.39
N LEU A 389 -6.89 10.42 -5.40
CA LEU A 389 -7.46 9.65 -6.52
C LEU A 389 -7.41 8.14 -6.26
N LYS A 390 -7.17 7.78 -5.01
CA LYS A 390 -7.43 6.44 -4.48
C LYS A 390 -6.49 5.32 -4.93
N LEU A 391 -5.27 5.68 -5.33
CA LEU A 391 -4.21 4.68 -5.60
C LEU A 391 -3.66 3.96 -4.36
N VAL A 392 -3.64 4.67 -3.24
CA VAL A 392 -3.21 4.07 -1.98
C VAL A 392 -3.88 4.82 -0.84
N SER A 393 -4.25 4.09 0.21
CA SER A 393 -5.07 4.69 1.27
C SER A 393 -4.19 5.34 2.38
N ASP A 394 -3.18 4.60 2.81
CA ASP A 394 -2.25 5.00 3.85
C ASP A 394 -0.94 5.24 3.16
N LEU A 395 -0.42 6.48 3.20
CA LEU A 395 0.79 6.82 2.49
C LEU A 395 2.05 6.12 3.04
N ARG A 396 2.00 5.53 4.23
CA ARG A 396 3.12 4.70 4.70
C ARG A 396 3.28 3.47 3.76
N ASN A 397 2.19 3.08 3.06
CA ASN A 397 2.25 1.97 2.05
C ASN A 397 2.57 2.42 0.61
N HIS A 398 2.93 3.68 0.44
CA HIS A 398 3.21 4.16 -0.91
C HIS A 398 4.44 3.40 -1.45
N PRO A 399 4.37 2.88 -2.71
CA PRO A 399 5.46 2.08 -3.27
C PRO A 399 6.78 2.86 -3.42
N VAL A 400 6.73 4.19 -3.43
CA VAL A 400 7.95 4.99 -3.50
C VAL A 400 8.86 4.81 -2.24
N ALA A 401 8.31 4.30 -1.14
CA ALA A 401 9.13 4.05 0.09
C ALA A 401 10.32 3.16 -0.25
N THR A 402 10.07 2.09 -1.01
CA THR A 402 11.05 1.13 -1.42
C THR A 402 12.17 1.79 -2.27
N LEU A 403 11.74 2.71 -3.13
CA LEU A 403 12.61 3.46 -4.02
C LEU A 403 13.43 4.51 -3.27
N MET A 404 12.82 5.19 -2.29
CA MET A 404 13.59 6.09 -1.41
C MET A 404 14.69 5.34 -0.66
N ALA A 405 14.42 4.09 -0.26
CA ALA A 405 15.40 3.30 0.52
C ALA A 405 16.66 2.93 -0.25
N THR A 406 16.58 2.87 -1.58
CA THR A 406 17.72 2.60 -2.42
C THR A 406 18.26 3.83 -3.12
N GLY A 407 17.72 4.99 -2.80
CA GLY A 407 18.20 6.24 -3.36
C GLY A 407 17.92 6.45 -4.83
N HIS A 408 16.79 5.92 -5.33
CA HIS A 408 16.40 6.07 -6.75
C HIS A 408 16.23 7.56 -7.18
N PRO A 409 16.51 7.91 -8.46
CA PRO A 409 16.30 9.31 -8.90
C PRO A 409 14.82 9.71 -8.88
N MET A 410 14.49 10.80 -8.20
CA MET A 410 13.12 11.28 -8.07
C MET A 410 13.09 12.73 -7.70
N VAL A 411 11.96 13.36 -8.01
CA VAL A 411 11.62 14.71 -7.60
C VAL A 411 10.23 14.65 -7.01
N ILE A 412 9.91 15.62 -6.17
CA ILE A 412 8.56 15.69 -5.57
C ILE A 412 7.84 16.88 -6.16
N SER A 413 6.56 16.69 -6.46
CA SER A 413 5.73 17.85 -6.88
C SER A 413 4.30 17.69 -6.35
N SER A 414 3.38 18.58 -6.74
CA SER A 414 2.01 18.55 -6.18
C SER A 414 0.88 18.28 -7.21
N ASP A 415 1.20 18.29 -8.51
CA ASP A 415 0.23 17.88 -9.56
C ASP A 415 -0.92 18.90 -9.77
N ASP A 416 -1.99 18.80 -8.98
CA ASP A 416 -3.14 19.74 -9.02
C ASP A 416 -3.54 20.17 -7.60
N PRO A 417 -2.63 20.85 -6.89
CA PRO A 417 -2.88 21.05 -5.44
C PRO A 417 -4.19 21.74 -5.11
N ALA A 418 -4.59 22.71 -5.92
CA ALA A 418 -5.84 23.47 -5.67
C ALA A 418 -7.09 22.57 -5.62
N MET A 419 -7.12 21.50 -6.42
CA MET A 419 -8.26 20.56 -6.40
C MET A 419 -8.33 19.70 -5.15
N PHE A 420 -7.19 19.59 -4.45
CA PHE A 420 -7.10 18.76 -3.24
C PHE A 420 -7.11 19.59 -1.98
N GLY A 421 -7.12 20.92 -2.11
CA GLY A 421 -7.03 21.82 -0.97
C GLY A 421 -5.61 22.04 -0.49
N ALA A 422 -4.62 21.72 -1.32
CA ALA A 422 -3.23 22.01 -0.99
C ALA A 422 -2.77 23.28 -1.70
N LYS A 423 -1.53 23.67 -1.48
CA LYS A 423 -0.97 24.90 -2.04
C LYS A 423 0.55 24.71 -2.16
N GLY A 424 1.13 25.10 -3.30
CA GLY A 424 2.57 24.98 -3.58
C GLY A 424 3.03 23.52 -3.46
N LEU A 425 4.18 23.33 -2.81
CA LEU A 425 4.82 22.02 -2.65
C LEU A 425 4.92 21.49 -1.21
N SER A 426 4.79 22.37 -0.21
CA SER A 426 5.03 21.98 1.21
C SER A 426 4.24 20.80 1.75
N TYR A 427 2.95 20.69 1.38
CA TYR A 427 2.13 19.58 1.89
C TYR A 427 2.66 18.26 1.35
N ASP A 428 2.98 18.24 0.05
CA ASP A 428 3.57 17.08 -0.57
C ASP A 428 4.94 16.72 0.00
N PHE A 429 5.76 17.72 0.29
CA PHE A 429 7.01 17.46 0.98
C PHE A 429 6.79 16.87 2.38
N TYR A 430 5.77 17.34 3.11
CA TYR A 430 5.48 16.77 4.43
C TYR A 430 5.09 15.28 4.29
N GLU A 431 4.24 14.97 3.30
CA GLU A 431 3.83 13.58 3.09
C GLU A 431 5.05 12.67 2.80
N VAL A 432 5.95 13.11 1.93
CA VAL A 432 7.16 12.33 1.64
C VAL A 432 8.07 12.19 2.86
N PHE A 433 8.37 13.32 3.50
CA PHE A 433 9.32 13.36 4.64
C PHE A 433 8.85 12.61 5.87
N MET A 434 7.55 12.70 6.16
CA MET A 434 6.98 12.05 7.34
C MET A 434 6.41 10.66 7.02
N GLY A 435 5.70 10.52 5.90
CA GLY A 435 4.96 9.27 5.62
C GLY A 435 5.66 8.21 4.77
N ILE A 436 6.29 8.64 3.68
CA ILE A 436 6.84 7.69 2.72
C ILE A 436 8.27 7.32 3.07
N GLY A 437 9.08 8.28 3.51
CA GLY A 437 10.51 8.03 3.78
C GLY A 437 10.80 7.44 5.17
N GLY A 438 9.78 7.35 6.00
CA GLY A 438 9.90 6.77 7.34
C GLY A 438 10.61 7.66 8.36
N MET A 439 10.85 7.10 9.55
CA MET A 439 11.43 7.85 10.67
C MET A 439 12.86 8.33 10.45
N LYS A 440 13.62 7.61 9.63
CA LYS A 440 15.04 7.96 9.44
C LYS A 440 15.34 8.93 8.28
N ALA A 441 14.32 9.28 7.47
CA ALA A 441 14.44 10.39 6.51
C ALA A 441 14.81 11.67 7.29
N ASP A 442 15.85 12.35 6.81
CA ASP A 442 16.47 13.44 7.57
C ASP A 442 16.71 14.68 6.68
N LEU A 443 17.46 15.66 7.21
CA LEU A 443 17.83 16.83 6.41
C LEU A 443 18.52 16.49 5.07
N ARG A 444 19.32 15.42 5.04
CA ARG A 444 19.98 15.01 3.78
C ARG A 444 18.97 14.56 2.71
N THR A 445 17.92 13.86 3.13
CA THR A 445 16.78 13.50 2.27
C THR A 445 16.22 14.76 1.63
N LEU A 446 15.90 15.74 2.47
CA LEU A 446 15.27 16.98 1.99
C LEU A 446 16.15 17.75 1.04
N LYS A 447 17.43 17.88 1.42
CA LYS A 447 18.40 18.60 0.63
C LYS A 447 18.56 17.92 -0.73
N GLN A 448 18.66 16.59 -0.74
CA GLN A 448 18.78 15.84 -2.00
C GLN A 448 17.55 16.04 -2.93
N LEU A 449 16.35 15.97 -2.35
CA LEU A 449 15.13 16.19 -3.12
C LEU A 449 15.10 17.61 -3.74
N ALA A 450 15.54 18.60 -2.99
CA ALA A 450 15.59 19.99 -3.50
C ALA A 450 16.59 20.13 -4.66
N MET A 451 17.79 19.62 -4.44
CA MET A 451 18.82 19.64 -5.50
C MET A 451 18.41 18.86 -6.76
N ASN A 452 17.84 17.66 -6.57
CA ASN A 452 17.29 16.88 -7.69
C ASN A 452 16.33 17.67 -8.58
N SER A 453 15.48 18.51 -7.98
CA SER A 453 14.50 19.29 -8.74
C SER A 453 15.15 20.34 -9.63
N ILE A 454 16.38 20.73 -9.25
CA ILE A 454 17.21 21.57 -10.11
C ILE A 454 17.94 20.72 -11.16
N LYS A 455 18.55 19.61 -10.72
CA LYS A 455 19.27 18.70 -11.62
C LYS A 455 18.41 18.19 -12.81
N TYR A 456 17.15 17.85 -12.53
CA TYR A 456 16.29 17.15 -13.50
C TYR A 456 15.36 18.08 -14.25
N SER A 457 15.47 19.38 -13.99
CA SER A 457 14.79 20.36 -14.80
C SER A 457 15.38 20.34 -16.21
N THR A 458 14.69 21.00 -17.12
CA THR A 458 15.06 21.11 -18.53
C THR A 458 15.83 22.41 -18.83
N LEU A 459 16.25 23.12 -17.78
CA LEU A 459 17.11 24.27 -17.97
C LEU A 459 18.48 23.93 -18.56
N LEU A 460 19.10 24.89 -19.24
CA LEU A 460 20.51 24.77 -19.68
C LEU A 460 21.40 24.50 -18.47
N GLU A 461 22.50 23.78 -18.68
CA GLU A 461 23.43 23.51 -17.58
C GLU A 461 23.95 24.79 -16.93
N SER A 462 24.12 25.83 -17.74
CA SER A 462 24.58 27.11 -17.22
C SER A 462 23.48 27.76 -16.36
N GLU A 463 22.22 27.53 -16.74
CA GLU A 463 21.10 28.07 -15.97
C GLU A 463 20.91 27.31 -14.65
N LYS A 464 21.19 26.00 -14.66
CA LYS A 464 21.11 25.19 -13.44
C LYS A 464 22.16 25.64 -12.42
N ASN A 465 23.36 25.98 -12.90
CA ASN A 465 24.41 26.50 -12.03
C ASN A 465 23.99 27.78 -11.33
N THR A 466 23.43 28.71 -12.09
CA THR A 466 22.84 29.96 -11.54
C THR A 466 21.69 29.70 -10.55
N PHE A 467 20.76 28.82 -10.93
CA PHE A 467 19.69 28.38 -10.06
C PHE A 467 20.30 27.84 -8.75
N MET A 468 21.26 26.93 -8.87
CA MET A 468 21.93 26.32 -7.71
C MET A 468 22.56 27.36 -6.77
N GLU A 469 23.22 28.38 -7.34
CA GLU A 469 23.76 29.50 -6.56
C GLU A 469 22.69 30.30 -5.83
N ILE A 470 21.58 30.58 -6.50
CA ILE A 470 20.46 31.28 -5.85
C ILE A 470 19.86 30.42 -4.72
N TRP A 471 19.63 29.14 -5.01
CA TRP A 471 19.07 28.24 -4.01
C TRP A 471 20.02 28.00 -2.80
N LYS A 472 21.33 27.86 -3.03
CA LYS A 472 22.30 27.62 -1.94
C LYS A 472 22.26 28.74 -0.89
N LYS A 473 22.18 29.98 -1.36
CA LYS A 473 22.04 31.12 -0.47
C LYS A 473 20.72 31.06 0.29
N ARG A 474 19.64 30.67 -0.37
CA ARG A 474 18.35 30.51 0.34
C ARG A 474 18.39 29.36 1.33
N TRP A 475 19.12 28.30 0.98
CA TRP A 475 19.32 27.13 1.82
C TRP A 475 20.11 27.51 3.08
N ASP A 476 21.14 28.33 2.92
CA ASP A 476 21.92 28.78 4.08
C ASP A 476 21.16 29.60 5.11
N LYS A 477 20.32 30.52 4.63
CA LYS A 477 19.41 31.31 5.47
C LYS A 477 18.33 30.46 6.18
N PHE A 478 17.86 29.43 5.48
CA PHE A 478 16.92 28.48 6.06
C PHE A 478 17.57 27.73 7.23
N ILE A 479 18.75 27.17 6.98
CA ILE A 479 19.55 26.41 7.95
C ILE A 479 19.83 27.26 9.19
N ALA A 480 20.31 28.50 9.00
CA ALA A 480 20.53 29.41 10.11
C ALA A 480 19.29 29.57 10.97
N ASP A 481 18.16 29.87 10.34
CA ASP A 481 16.88 29.96 11.05
C ASP A 481 16.49 28.72 11.84
N VAL A 482 16.59 27.53 11.23
CA VAL A 482 16.24 26.28 11.92
C VAL A 482 17.23 25.96 13.08
N ALA A 483 18.53 26.13 12.81
CA ALA A 483 19.60 25.91 13.80
C ALA A 483 19.42 26.83 15.01
N THR A 484 18.96 28.06 14.75
CA THR A 484 18.56 28.98 15.79
C THR A 484 17.10 29.32 15.52
N SER B 3 16.03 -3.23 -32.49
CA SER B 3 17.09 -2.97 -31.46
C SER B 3 16.54 -2.21 -30.25
N ILE B 4 15.65 -1.26 -30.50
CA ILE B 4 14.84 -0.69 -29.42
C ILE B 4 13.77 -1.74 -29.11
N ASP B 5 13.24 -2.35 -30.17
CA ASP B 5 12.29 -3.47 -30.06
C ASP B 5 12.89 -4.65 -29.31
N GLU B 6 14.20 -4.85 -29.52
CA GLU B 6 14.93 -5.92 -28.87
C GLU B 6 15.17 -5.60 -27.41
N THR B 7 15.50 -4.35 -27.09
CA THR B 7 15.67 -3.91 -25.70
C THR B 7 14.41 -4.16 -24.89
N ARG B 8 13.27 -3.74 -25.45
CA ARG B 8 11.97 -3.92 -24.81
C ARG B 8 11.72 -5.40 -24.52
N ALA B 9 12.09 -6.26 -25.47
CA ALA B 9 11.82 -7.70 -25.32
C ALA B 9 12.71 -8.28 -24.23
N HIS B 10 13.96 -7.82 -24.17
CA HIS B 10 14.93 -8.30 -23.21
C HIS B 10 14.50 -7.92 -21.78
N LEU B 11 14.01 -6.70 -21.62
CA LEU B 11 13.59 -6.22 -20.30
C LEU B 11 12.41 -7.04 -19.80
N LEU B 12 11.44 -7.33 -20.68
CA LEU B 12 10.33 -8.18 -20.32
C LEU B 12 10.72 -9.64 -20.04
N LEU B 13 11.68 -10.18 -20.80
CA LEU B 13 12.16 -11.56 -20.57
C LEU B 13 12.86 -11.66 -19.22
N LYS B 14 13.69 -10.67 -18.92
CA LYS B 14 14.37 -10.59 -17.63
C LYS B 14 13.38 -10.60 -16.46
N GLU B 15 12.36 -9.76 -16.52
CA GLU B 15 11.29 -9.75 -15.50
C GLU B 15 10.53 -11.07 -15.41
N LYS B 16 10.32 -11.69 -16.57
CA LYS B 16 9.72 -13.02 -16.64
C LYS B 16 10.57 -14.08 -15.91
N MET B 17 11.88 -14.05 -16.10
CA MET B 17 12.79 -15.04 -15.50
C MET B 17 13.02 -14.81 -14.00
N MET B 18 13.06 -13.56 -13.57
CA MET B 18 13.32 -13.28 -12.15
C MET B 18 12.12 -13.30 -11.18
N ARG B 19 10.89 -13.09 -11.64
CA ARG B 19 9.74 -13.29 -10.75
C ARG B 19 9.68 -14.71 -10.22
N LEU B 20 9.01 -14.87 -9.09
CA LEU B 20 8.96 -16.12 -8.37
C LEU B 20 8.44 -17.20 -9.31
N GLY B 21 9.23 -18.27 -9.42
CA GLY B 21 8.90 -19.45 -10.24
C GLY B 21 9.29 -19.35 -11.71
N GLY B 22 9.83 -18.20 -12.09
CA GLY B 22 10.03 -17.85 -13.49
C GLY B 22 10.99 -18.77 -14.24
N ARG B 23 11.91 -19.38 -13.50
CA ARG B 23 12.88 -20.28 -14.11
C ARG B 23 12.47 -21.76 -14.11
N LEU B 24 11.28 -22.07 -13.57
CA LEU B 24 10.77 -23.44 -13.54
C LEU B 24 10.37 -23.89 -14.93
N VAL B 25 10.66 -25.16 -15.22
CA VAL B 25 10.36 -25.70 -16.53
C VAL B 25 9.10 -26.56 -16.47
N LEU B 26 8.11 -26.17 -17.28
CA LEU B 26 6.84 -26.85 -17.35
C LEU B 26 6.90 -27.93 -18.44
N ASN B 27 6.38 -29.12 -18.15
CA ASN B 27 6.18 -30.12 -19.19
C ASN B 27 4.92 -29.82 -19.99
N THR B 28 4.66 -30.62 -21.03
CA THR B 28 3.61 -30.23 -21.99
C THR B 28 2.20 -30.26 -21.38
N LYS B 29 1.95 -31.20 -20.47
CA LYS B 29 0.67 -31.26 -19.75
C LYS B 29 0.47 -30.01 -18.83
N GLU B 30 1.54 -29.59 -18.18
CA GLU B 30 1.56 -28.36 -17.36
C GLU B 30 1.42 -27.09 -18.21
N GLU B 31 2.03 -27.08 -19.40
CA GLU B 31 1.80 -25.94 -20.33
C GLU B 31 0.33 -25.77 -20.69
N LEU B 32 -0.36 -26.89 -20.95
CA LEU B 32 -1.79 -26.90 -21.24
C LEU B 32 -2.62 -26.43 -20.03
N ALA B 33 -2.31 -26.98 -18.84
CA ALA B 33 -2.95 -26.56 -17.60
C ALA B 33 -2.78 -25.04 -17.37
N ASN B 34 -1.57 -24.51 -17.57
CA ASN B 34 -1.28 -23.10 -17.44
C ASN B 34 -2.10 -22.25 -18.43
N GLU B 35 -2.21 -22.72 -19.68
CA GLU B 35 -3.00 -22.00 -20.69
C GLU B 35 -4.43 -21.85 -20.27
N ARG B 36 -5.02 -22.91 -19.73
CA ARG B 36 -6.42 -22.88 -19.29
C ARG B 36 -6.63 -22.01 -18.03
N LEU B 37 -5.78 -22.23 -17.02
CA LEU B 37 -5.84 -21.38 -15.83
C LEU B 37 -5.65 -19.88 -16.17
N MET B 38 -4.63 -19.55 -16.97
CA MET B 38 -4.37 -18.15 -17.31
C MET B 38 -5.50 -17.53 -18.15
N THR B 39 -6.12 -18.33 -19.01
CA THR B 39 -7.30 -17.86 -19.75
C THR B 39 -8.40 -17.42 -18.77
N LEU B 40 -8.69 -18.24 -17.76
CA LEU B 40 -9.78 -17.88 -16.82
C LEU B 40 -9.38 -16.68 -15.95
N LYS B 41 -8.11 -16.68 -15.52
CA LYS B 41 -7.57 -15.57 -14.74
C LYS B 41 -7.64 -14.25 -15.53
N ILE B 42 -7.21 -14.27 -16.79
CA ILE B 42 -7.25 -13.06 -17.62
C ILE B 42 -8.67 -12.56 -17.82
N ALA B 43 -9.61 -13.47 -18.10
CA ALA B 43 -11.06 -13.15 -18.17
C ALA B 43 -11.61 -12.52 -16.88
N GLU B 44 -11.26 -13.08 -15.72
CA GLU B 44 -11.73 -12.50 -14.45
C GLU B 44 -11.13 -11.08 -14.26
N MET B 45 -9.85 -10.93 -14.53
CA MET B 45 -9.20 -9.61 -14.38
C MET B 45 -9.75 -8.53 -15.35
N LYS B 46 -10.03 -8.93 -16.59
CA LYS B 46 -10.62 -8.02 -17.60
C LYS B 46 -11.94 -7.48 -17.14
N GLU B 47 -12.76 -8.38 -16.59
CA GLU B 47 -14.03 -7.99 -16.02
C GLU B 47 -13.88 -7.04 -14.81
N ALA B 48 -13.02 -7.41 -13.87
CA ALA B 48 -12.69 -6.56 -12.73
C ALA B 48 -12.24 -5.17 -13.18
N MET B 49 -11.42 -5.09 -14.23
CA MET B 49 -10.94 -3.80 -14.75
C MET B 49 -12.08 -2.97 -15.31
N ARG B 50 -13.09 -3.63 -15.90
CA ARG B 50 -14.29 -2.94 -16.41
C ARG B 50 -15.17 -2.35 -15.31
N THR B 51 -15.39 -3.12 -14.23
CA THR B 51 -16.36 -2.72 -13.19
C THR B 51 -15.70 -2.17 -11.93
N LEU B 52 -14.40 -2.43 -11.79
CA LEU B 52 -13.66 -2.15 -10.56
C LEU B 52 -14.12 -3.00 -9.38
N ILE B 53 -14.90 -4.05 -9.63
CA ILE B 53 -15.22 -5.03 -8.58
C ILE B 53 -14.14 -6.10 -8.63
N PHE B 54 -13.14 -5.96 -7.77
CA PHE B 54 -11.95 -6.77 -7.80
C PHE B 54 -11.68 -7.22 -6.37
N PRO B 55 -11.94 -8.51 -6.08
CA PRO B 55 -11.93 -8.95 -4.70
C PRO B 55 -10.67 -8.63 -3.89
N PRO B 56 -9.44 -8.81 -4.44
CA PRO B 56 -8.27 -8.46 -3.59
C PRO B 56 -8.22 -6.98 -3.19
N SER B 57 -8.83 -6.14 -4.01
CA SER B 57 -8.88 -4.70 -3.73
C SER B 57 -9.97 -4.30 -2.73
N MET B 58 -10.85 -5.23 -2.38
CA MET B 58 -11.95 -4.99 -1.45
C MET B 58 -11.59 -5.68 -0.14
N HIS B 59 -12.26 -5.30 0.95
CA HIS B 59 -12.04 -5.95 2.24
C HIS B 59 -12.52 -7.41 2.15
N PHE B 60 -11.71 -8.31 2.67
CA PHE B 60 -12.05 -9.74 2.61
C PHE B 60 -13.46 -10.08 3.15
N PHE B 61 -13.93 -9.38 4.18
CA PHE B 61 -15.29 -9.65 4.67
C PHE B 61 -16.32 -9.50 3.55
N GLN B 62 -16.15 -8.46 2.73
CA GLN B 62 -17.05 -8.20 1.59
C GLN B 62 -16.66 -8.90 0.30
N ALA B 63 -15.40 -9.32 0.21
CA ALA B 63 -14.86 -9.96 -1.00
C ALA B 63 -15.15 -11.46 -1.08
N LYS B 64 -15.26 -12.12 0.06
CA LYS B 64 -15.24 -13.59 0.16
C LYS B 64 -16.31 -14.26 -0.72
N HIS B 65 -17.54 -13.75 -0.65
CA HIS B 65 -18.64 -14.34 -1.44
C HIS B 65 -18.35 -14.27 -2.94
N LEU B 66 -17.61 -13.25 -3.39
CA LEU B 66 -17.23 -13.16 -4.80
C LEU B 66 -16.06 -14.10 -5.12
N ILE B 67 -15.13 -14.24 -4.17
CA ILE B 67 -13.96 -15.14 -4.37
C ILE B 67 -14.46 -16.60 -4.50
N GLU B 68 -15.47 -16.94 -3.70
CA GLU B 68 -16.06 -18.29 -3.73
C GLU B 68 -16.70 -18.65 -5.08
N ARG B 69 -17.10 -17.62 -5.81
CA ARG B 69 -17.72 -17.75 -7.16
C ARG B 69 -16.70 -17.78 -8.30
N SER B 70 -15.45 -17.48 -7.97
CA SER B 70 -14.36 -17.39 -8.97
C SER B 70 -13.93 -18.78 -9.43
N GLN B 71 -13.75 -18.92 -10.74
CA GLN B 71 -13.28 -20.16 -11.35
C GLN B 71 -11.83 -20.39 -10.97
N VAL B 72 -11.07 -19.30 -10.85
CA VAL B 72 -9.67 -19.38 -10.43
C VAL B 72 -9.56 -19.93 -8.99
N PHE B 73 -10.37 -19.39 -8.06
CA PHE B 73 -10.46 -19.93 -6.70
C PHE B 73 -10.80 -21.44 -6.70
N ASN B 74 -11.73 -21.85 -7.57
CA ASN B 74 -12.10 -23.27 -7.67
C ASN B 74 -10.90 -24.16 -7.99
N ILE B 75 -10.11 -23.79 -8.99
CA ILE B 75 -8.84 -24.44 -9.29
C ILE B 75 -7.84 -24.44 -8.09
N LEU B 76 -7.70 -23.29 -7.44
CA LEU B 76 -6.77 -23.20 -6.29
C LEU B 76 -7.13 -24.11 -5.11
N ARG B 77 -8.42 -24.25 -4.86
CA ARG B 77 -8.96 -25.16 -3.84
C ARG B 77 -8.55 -26.60 -4.07
N MET B 78 -8.53 -26.99 -5.36
CA MET B 78 -8.12 -28.31 -5.85
C MET B 78 -6.60 -28.56 -5.83
N MET B 79 -5.82 -27.49 -5.97
CA MET B 79 -4.38 -27.59 -6.03
C MET B 79 -3.82 -28.18 -4.70
N PRO B 80 -2.89 -29.15 -4.77
CA PRO B 80 -2.11 -29.50 -3.55
C PRO B 80 -1.08 -28.40 -3.28
N LYS B 81 -1.22 -27.73 -2.12
CA LYS B 81 -0.52 -26.49 -1.83
C LYS B 81 0.73 -26.78 -0.99
N GLY B 82 0.91 -28.05 -0.64
CA GLY B 82 2.10 -28.47 0.13
C GLY B 82 1.77 -28.39 1.61
N ALA B 83 2.36 -27.40 2.29
CA ALA B 83 2.34 -27.29 3.76
C ALA B 83 1.86 -25.90 4.22
N ALA B 84 1.18 -25.86 5.36
CA ALA B 84 0.82 -24.58 6.02
C ALA B 84 1.81 -24.31 7.14
N LEU B 85 2.68 -23.29 6.97
CA LEU B 85 3.84 -23.12 7.87
C LEU B 85 3.73 -21.99 8.91
N HIS B 86 2.66 -21.18 8.82
CA HIS B 86 2.43 -20.11 9.77
C HIS B 86 0.97 -20.15 10.16
N LEU B 87 0.71 -20.78 11.31
CA LEU B 87 -0.65 -20.94 11.84
C LEU B 87 -0.57 -20.77 13.34
N HIS B 88 -1.65 -20.29 13.96
CA HIS B 88 -1.74 -20.23 15.41
C HIS B 88 -2.68 -21.28 15.95
N ASP B 89 -2.42 -21.73 17.18
CA ASP B 89 -3.15 -22.86 17.79
C ASP B 89 -4.68 -22.80 17.79
N ILE B 90 -5.27 -21.62 17.99
CA ILE B 90 -6.72 -21.58 18.15
C ILE B 90 -7.50 -20.80 17.08
N GLY B 91 -6.89 -20.61 15.91
CA GLY B 91 -7.53 -19.87 14.83
C GLY B 91 -7.71 -20.67 13.57
N ILE B 92 -7.72 -22.00 13.69
CA ILE B 92 -7.58 -22.86 12.51
C ILE B 92 -8.69 -23.88 12.29
N VAL B 93 -9.83 -23.65 12.94
CA VAL B 93 -11.00 -24.50 12.85
C VAL B 93 -12.21 -23.56 12.69
N THR B 94 -12.96 -23.74 11.60
CA THR B 94 -14.14 -22.91 11.34
C THR B 94 -15.01 -22.82 12.60
N MET B 95 -15.40 -21.60 12.95
CA MET B 95 -16.04 -21.30 14.25
C MET B 95 -17.46 -21.86 14.39
N ASP B 96 -18.13 -22.06 13.26
CA ASP B 96 -19.42 -22.74 13.14
C ASP B 96 -19.46 -24.05 13.98
N TRP B 97 -18.42 -24.87 13.86
CA TRP B 97 -18.29 -26.10 14.67
C TRP B 97 -18.19 -25.82 16.16
N LEU B 98 -17.45 -24.78 16.56
CA LEU B 98 -17.35 -24.42 18.00
C LEU B 98 -18.70 -24.11 18.62
N VAL B 99 -19.58 -23.49 17.83
CA VAL B 99 -20.95 -23.18 18.24
C VAL B 99 -21.91 -24.39 18.11
N ARG B 100 -22.18 -24.86 16.89
CA ARG B 100 -23.18 -25.92 16.66
C ARG B 100 -22.85 -27.23 17.39
N ASN B 101 -21.56 -27.54 17.50
CA ASN B 101 -21.10 -28.80 18.08
C ASN B 101 -20.63 -28.66 19.53
N VAL B 102 -19.52 -27.93 19.75
CA VAL B 102 -18.87 -27.88 21.08
C VAL B 102 -19.74 -27.28 22.18
N THR B 103 -20.49 -26.25 21.82
CA THR B 103 -21.28 -25.52 22.79
C THR B 103 -22.60 -26.26 23.13
N TYR B 104 -22.89 -27.31 22.37
CA TYR B 104 -23.99 -28.22 22.69
C TYR B 104 -23.55 -29.49 23.45
N ARG B 105 -22.27 -29.56 23.79
CA ARG B 105 -21.76 -30.68 24.56
C ARG B 105 -22.12 -30.52 26.03
N PRO B 106 -22.45 -31.63 26.70
CA PRO B 106 -22.75 -31.67 28.12
C PRO B 106 -21.69 -30.97 28.95
N HIS B 107 -22.15 -30.29 30.01
CA HIS B 107 -21.30 -29.66 31.03
C HIS B 107 -20.67 -28.31 30.61
N CYS B 108 -21.10 -27.78 29.47
CA CYS B 108 -20.64 -26.48 28.98
C CYS B 108 -21.39 -25.32 29.64
N HIS B 109 -20.66 -24.49 30.37
CA HIS B 109 -21.19 -23.28 30.99
C HIS B 109 -20.76 -22.00 30.21
N ILE B 110 -21.56 -20.94 30.36
CA ILE B 110 -21.24 -19.58 29.89
C ILE B 110 -21.38 -18.60 31.05
N CYS B 111 -20.56 -17.55 31.05
CA CYS B 111 -20.54 -16.51 32.10
C CYS B 111 -20.00 -15.19 31.52
N PHE B 112 -20.12 -14.10 32.29
CA PHE B 112 -19.63 -12.80 31.87
C PHE B 112 -18.78 -12.13 32.95
N THR B 113 -17.60 -11.64 32.55
CA THR B 113 -16.71 -10.90 33.44
C THR B 113 -17.42 -9.62 33.93
N PRO B 114 -16.91 -8.99 35.01
CA PRO B 114 -17.46 -7.69 35.46
C PRO B 114 -17.64 -6.69 34.33
N ARG B 115 -16.67 -6.62 33.41
CA ARG B 115 -16.70 -5.67 32.30
C ARG B 115 -17.61 -6.10 31.15
N GLY B 116 -18.13 -7.33 31.23
CA GLY B 116 -19.08 -7.83 30.23
C GLY B 116 -18.51 -8.68 29.12
N ILE B 117 -17.30 -9.21 29.32
CA ILE B 117 -16.69 -10.10 28.33
C ILE B 117 -17.06 -11.57 28.56
N MET B 118 -17.67 -12.15 27.53
CA MET B 118 -18.07 -13.55 27.51
C MET B 118 -16.93 -14.56 27.71
N GLN B 119 -17.23 -15.63 28.44
CA GLN B 119 -16.27 -16.59 28.97
C GLN B 119 -16.95 -17.98 28.99
N PHE B 120 -16.16 -19.05 28.86
CA PHE B 120 -16.71 -20.42 28.90
C PHE B 120 -15.87 -21.34 29.77
N ARG B 121 -16.54 -22.32 30.39
CA ARG B 121 -15.88 -23.38 31.13
C ARG B 121 -16.71 -24.67 31.10
N PHE B 122 -16.03 -25.77 30.82
CA PHE B 122 -16.64 -27.10 30.94
C PHE B 122 -16.34 -27.57 32.34
N ALA B 123 -17.38 -27.95 33.07
CA ALA B 123 -17.21 -28.37 34.45
C ALA B 123 -18.40 -29.19 34.97
N HIS B 124 -18.07 -30.15 35.83
CA HIS B 124 -19.06 -30.86 36.62
C HIS B 124 -18.46 -31.22 37.97
N PRO B 125 -19.07 -30.71 39.06
CA PRO B 125 -20.28 -29.87 39.05
C PRO B 125 -20.00 -28.39 38.71
N THR B 126 -21.06 -27.60 38.49
CA THR B 126 -20.96 -26.15 38.27
C THR B 126 -20.01 -25.51 39.28
N PRO B 127 -18.98 -24.76 38.80
CA PRO B 127 -18.00 -24.16 39.71
C PRO B 127 -18.55 -23.00 40.54
N ARG B 128 -17.91 -22.75 41.68
CA ARG B 128 -18.27 -21.68 42.60
C ARG B 128 -18.02 -20.30 41.99
N PRO B 129 -18.84 -19.30 42.38
CA PRO B 129 -18.58 -17.91 42.01
C PRO B 129 -17.16 -17.48 42.40
N SER B 130 -16.45 -16.84 41.47
CA SER B 130 -15.10 -16.32 41.73
C SER B 130 -14.99 -14.82 41.42
N GLU B 131 -13.77 -14.31 41.46
CA GLU B 131 -13.54 -12.89 41.22
C GLU B 131 -13.65 -12.48 39.76
N LYS B 132 -13.30 -13.40 38.85
CA LYS B 132 -13.43 -13.15 37.42
C LYS B 132 -14.83 -13.54 36.89
N CYS B 133 -15.58 -14.31 37.68
CA CYS B 133 -16.94 -14.72 37.33
C CYS B 133 -17.82 -14.81 38.56
N SER B 134 -19.00 -14.20 38.49
CA SER B 134 -19.91 -14.15 39.63
C SER B 134 -20.98 -15.23 39.56
N LYS B 135 -21.29 -15.69 38.34
CA LYS B 135 -22.20 -16.82 38.16
C LYS B 135 -21.98 -17.62 36.87
N TRP B 136 -21.45 -18.83 37.00
CA TRP B 136 -21.40 -19.75 35.88
C TRP B 136 -22.78 -20.35 35.69
N ILE B 137 -23.27 -20.29 34.46
CA ILE B 137 -24.59 -20.80 34.11
C ILE B 137 -24.45 -21.83 32.99
N LEU B 138 -25.09 -22.98 33.17
CA LEU B 138 -25.06 -24.07 32.19
C LEU B 138 -25.75 -23.64 30.89
N LEU B 139 -25.11 -23.93 29.76
CA LEU B 139 -25.67 -23.58 28.44
C LEU B 139 -27.07 -24.14 28.19
N GLU B 140 -27.32 -25.37 28.65
CA GLU B 140 -28.63 -26.01 28.45
C GLU B 140 -29.76 -25.25 29.17
N ASP B 141 -29.46 -24.74 30.37
CA ASP B 141 -30.36 -23.86 31.10
C ASP B 141 -30.58 -22.55 30.36
N TYR B 142 -29.49 -21.85 30.07
CA TYR B 142 -29.49 -20.56 29.38
C TYR B 142 -30.24 -20.60 28.05
N ARG B 143 -30.25 -21.77 27.41
CA ARG B 143 -30.74 -21.88 26.03
C ARG B 143 -32.25 -21.79 25.81
N LYS B 144 -33.04 -22.32 26.75
CA LYS B 144 -34.50 -22.30 26.60
C LYS B 144 -35.09 -20.93 26.97
N ARG B 145 -34.42 -20.23 27.89
CA ARG B 145 -34.83 -18.90 28.38
C ARG B 145 -34.95 -17.82 27.28
N VAL B 146 -34.23 -18.00 26.17
CA VAL B 146 -34.27 -17.02 25.08
C VAL B 146 -35.48 -17.29 24.15
N GLN B 147 -36.02 -16.23 23.56
CA GLN B 147 -37.22 -16.37 22.71
C GLN B 147 -36.93 -16.83 21.28
N ASN B 148 -35.65 -16.83 20.90
CA ASN B 148 -35.19 -17.43 19.64
C ASN B 148 -33.78 -18.02 19.84
N VAL B 149 -33.72 -19.35 19.96
CA VAL B 149 -32.46 -20.05 20.22
C VAL B 149 -31.53 -20.00 19.01
N THR B 150 -32.12 -19.94 17.81
CA THR B 150 -31.36 -19.77 16.58
C THR B 150 -30.67 -18.40 16.58
N GLU B 151 -31.31 -17.43 17.23
CA GLU B 151 -30.77 -16.09 17.32
C GLU B 151 -29.61 -16.00 18.31
N PHE B 152 -29.78 -16.65 19.46
CA PHE B 152 -28.74 -16.71 20.50
C PHE B 152 -27.47 -17.39 19.96
N ASP B 153 -27.67 -18.46 19.20
CA ASP B 153 -26.59 -19.21 18.57
C ASP B 153 -25.78 -18.32 17.63
N ASP B 154 -26.46 -17.66 16.70
CA ASP B 154 -25.83 -16.73 15.77
C ASP B 154 -25.09 -15.61 16.47
N SER B 155 -25.61 -15.19 17.62
CA SER B 155 -24.94 -14.19 18.43
C SER B 155 -23.58 -14.71 18.86
N LEU B 156 -23.53 -16.00 19.21
CA LEU B 156 -22.28 -16.60 19.64
C LEU B 156 -21.27 -16.65 18.50
N LEU B 157 -21.75 -17.06 17.32
CA LEU B 157 -20.93 -17.19 16.12
C LEU B 157 -20.35 -15.84 15.72
N ARG B 158 -21.20 -14.79 15.74
CA ARG B 158 -20.76 -13.41 15.48
C ARG B 158 -19.73 -12.92 16.50
N ASN B 159 -19.78 -13.46 17.72
CA ASN B 159 -18.79 -13.08 18.70
C ASN B 159 -17.48 -13.87 18.61
N PHE B 160 -17.43 -14.90 17.77
CA PHE B 160 -16.23 -15.74 17.67
C PHE B 160 -15.34 -15.38 16.47
N THR B 161 -15.75 -14.38 15.69
CA THR B 161 -14.96 -13.95 14.52
C THR B 161 -14.97 -12.43 14.42
N LEU B 162 -14.10 -11.90 13.56
CA LEU B 162 -14.05 -10.47 13.30
C LEU B 162 -15.02 -10.05 12.19
N VAL B 163 -15.57 -11.04 11.48
CA VAL B 163 -16.37 -10.81 10.28
C VAL B 163 -17.51 -9.85 10.59
N THR B 164 -17.67 -8.84 9.75
CA THR B 164 -18.76 -7.88 9.91
C THR B 164 -18.96 -7.11 8.62
N GLN B 165 -20.17 -6.56 8.46
CA GLN B 165 -20.44 -5.52 7.48
C GLN B 165 -19.82 -4.26 8.04
N HIS B 166 -19.41 -3.36 7.17
CA HIS B 166 -18.81 -2.07 7.59
C HIS B 166 -17.64 -2.16 8.58
N PRO B 167 -16.63 -2.99 8.26
CA PRO B 167 -15.45 -3.06 9.12
C PRO B 167 -14.67 -1.73 9.21
N GLU B 168 -14.83 -0.85 8.24
CA GLU B 168 -14.23 0.52 8.32
C GLU B 168 -14.89 1.37 9.42
N VAL B 169 -16.17 1.13 9.64
CA VAL B 169 -16.94 1.77 10.72
C VAL B 169 -16.67 1.10 12.07
N ILE B 170 -16.73 -0.23 12.09
CA ILE B 170 -16.60 -0.98 13.33
C ILE B 170 -15.15 -0.91 13.85
N TYR B 171 -14.17 -1.09 12.97
CA TYR B 171 -12.79 -1.10 13.43
C TYR B 171 -12.12 0.12 12.88
N THR B 172 -12.06 1.16 13.69
CA THR B 172 -11.66 2.46 13.17
C THR B 172 -10.15 2.63 13.14
N ASN B 173 -9.43 1.87 13.98
CA ASN B 173 -7.96 1.82 13.93
C ASN B 173 -7.40 0.42 14.26
N GLN B 174 -6.07 0.29 14.21
CA GLN B 174 -5.40 -0.98 14.47
C GLN B 174 -5.46 -1.44 15.92
N ASN B 175 -5.47 -0.49 16.86
CA ASN B 175 -5.62 -0.85 18.26
C ASN B 175 -7.01 -1.41 18.54
N VAL B 176 -8.03 -0.83 17.92
CA VAL B 176 -9.38 -1.35 18.07
C VAL B 176 -9.56 -2.78 17.51
N VAL B 177 -9.08 -3.02 16.28
CA VAL B 177 -9.17 -4.37 15.73
C VAL B 177 -8.37 -5.40 16.57
N TRP B 178 -7.20 -5.01 17.05
CA TRP B 178 -6.39 -5.88 17.93
C TRP B 178 -7.05 -6.17 19.28
N SER B 179 -7.77 -5.18 19.81
CA SER B 179 -8.49 -5.34 21.05
C SER B 179 -9.59 -6.39 20.86
N LYS B 180 -10.38 -6.28 19.80
CA LYS B 180 -11.39 -7.28 19.50
C LYS B 180 -10.80 -8.66 19.19
N PHE B 181 -9.74 -8.68 18.38
CA PHE B 181 -9.01 -9.91 18.02
C PHE B 181 -8.65 -10.72 19.25
N GLU B 182 -7.87 -10.13 20.14
CA GLU B 182 -7.45 -10.79 21.37
C GLU B 182 -8.57 -11.19 22.32
N THR B 183 -9.61 -10.36 22.41
CA THR B 183 -10.81 -10.70 23.16
C THR B 183 -11.49 -12.00 22.65
N ILE B 184 -11.47 -12.22 21.34
CA ILE B 184 -11.93 -13.48 20.78
C ILE B 184 -11.13 -14.67 21.34
N PHE B 185 -9.79 -14.55 21.37
CA PHE B 185 -8.95 -15.61 21.90
C PHE B 185 -9.30 -15.89 23.38
N PHE B 186 -9.51 -14.85 24.17
CA PHE B 186 -9.91 -15.00 25.58
C PHE B 186 -11.23 -15.76 25.72
N THR B 187 -12.22 -15.34 24.94
CA THR B 187 -13.58 -15.90 24.97
C THR B 187 -13.66 -17.38 24.55
N ILE B 188 -12.99 -17.76 23.46
CA ILE B 188 -13.06 -19.16 22.99
C ILE B 188 -12.14 -20.11 23.74
N SER B 189 -11.20 -19.53 24.49
CA SER B 189 -10.11 -20.29 25.11
C SER B 189 -10.61 -21.41 26.05
N GLY B 190 -11.62 -21.10 26.86
CA GLY B 190 -12.23 -22.04 27.77
C GLY B 190 -12.98 -23.18 27.10
N LEU B 191 -13.49 -22.95 25.88
CA LEU B 191 -14.12 -24.02 25.13
C LEU B 191 -13.07 -25.03 24.65
N ILE B 192 -11.96 -24.50 24.14
CA ILE B 192 -10.94 -25.30 23.43
C ILE B 192 -9.97 -26.05 24.35
N HIS B 193 -9.70 -25.47 25.53
CA HIS B 193 -8.78 -26.09 26.47
C HIS B 193 -9.37 -27.16 27.40
N TYR B 194 -10.63 -27.50 27.24
CA TYR B 194 -11.18 -28.68 27.91
C TYR B 194 -10.69 -29.92 27.14
N ALA B 195 -10.09 -30.89 27.83
CA ALA B 195 -9.35 -32.01 27.17
C ALA B 195 -10.04 -32.74 26.00
N PRO B 196 -11.29 -33.20 26.18
CA PRO B 196 -11.92 -33.87 25.06
C PRO B 196 -12.10 -32.93 23.86
N VAL B 197 -12.31 -31.65 24.11
CA VAL B 197 -12.49 -30.70 23.01
C VAL B 197 -11.14 -30.41 22.36
N PHE B 198 -10.12 -30.20 23.21
CA PHE B 198 -8.77 -29.97 22.75
C PHE B 198 -8.33 -31.07 21.74
N ARG B 199 -8.55 -32.33 22.08
CA ARG B 199 -8.23 -33.44 21.19
C ARG B 199 -9.01 -33.39 19.87
N ASP B 200 -10.32 -33.20 19.99
CA ASP B 200 -11.22 -33.02 18.85
C ASP B 200 -10.90 -31.80 17.97
N TYR B 201 -10.46 -30.72 18.60
CA TYR B 201 -10.10 -29.48 17.89
C TYR B 201 -8.88 -29.72 17.01
N VAL B 202 -7.82 -30.24 17.62
CA VAL B 202 -6.59 -30.59 16.88
C VAL B 202 -6.93 -31.51 15.68
N PHE B 203 -7.73 -32.56 15.93
CA PHE B 203 -8.12 -33.48 14.85
C PHE B 203 -8.88 -32.77 13.72
N ARG B 204 -9.83 -31.92 14.09
CA ARG B 204 -10.65 -31.22 13.09
C ARG B 204 -9.83 -30.22 12.29
N SER B 205 -8.82 -29.62 12.93
CA SER B 205 -7.91 -28.69 12.21
C SER B 205 -7.16 -29.43 11.09
N MET B 206 -6.69 -30.65 11.39
CA MET B 206 -6.10 -31.48 10.35
C MET B 206 -7.11 -31.87 9.25
N GLN B 207 -8.35 -32.22 9.62
CA GLN B 207 -9.40 -32.54 8.63
C GLN B 207 -9.65 -31.39 7.64
N GLU B 208 -9.85 -30.18 8.17
CA GLU B 208 -10.04 -28.98 7.34
C GLU B 208 -8.89 -28.70 6.38
N PHE B 209 -7.64 -28.76 6.86
CA PHE B 209 -6.52 -28.51 5.94
C PHE B 209 -6.37 -29.62 4.90
N TYR B 210 -6.56 -30.88 5.33
CA TYR B 210 -6.51 -32.02 4.44
C TYR B 210 -7.52 -31.90 3.30
N GLU B 211 -8.74 -31.50 3.64
CA GLU B 211 -9.82 -31.27 2.68
C GLU B 211 -9.44 -30.18 1.68
N ASP B 212 -8.60 -29.23 2.15
CA ASP B 212 -8.10 -28.13 1.32
C ASP B 212 -6.81 -28.54 0.61
N ASN B 213 -6.46 -29.83 0.66
CA ASN B 213 -5.30 -30.38 -0.05
C ASN B 213 -3.97 -29.78 0.46
N VAL B 214 -3.87 -29.68 1.79
CA VAL B 214 -2.64 -29.34 2.54
C VAL B 214 -2.27 -30.58 3.37
N LEU B 215 -1.02 -30.99 3.30
CA LEU B 215 -0.64 -32.27 3.89
C LEU B 215 0.28 -32.19 5.11
N TYR B 216 0.58 -30.98 5.58
CA TYR B 216 1.52 -30.84 6.71
C TYR B 216 1.29 -29.49 7.35
N MET B 217 1.39 -29.42 8.68
CA MET B 217 1.20 -28.15 9.40
C MET B 217 2.26 -27.93 10.47
N GLU B 218 2.76 -26.70 10.55
CA GLU B 218 3.51 -26.24 11.72
C GLU B 218 2.71 -25.11 12.40
N ILE B 219 2.51 -25.28 13.70
CA ILE B 219 1.61 -24.47 14.51
C ILE B 219 2.38 -23.76 15.63
N ARG B 220 2.23 -22.42 15.69
CA ARG B 220 2.65 -21.67 16.89
C ARG B 220 1.64 -21.95 17.96
N ALA B 221 2.09 -22.48 19.10
CA ALA B 221 1.17 -22.95 20.11
C ALA B 221 1.63 -22.42 21.44
N ARG B 222 0.71 -21.76 22.15
CA ARG B 222 1.00 -21.18 23.47
C ARG B 222 1.11 -22.28 24.54
N LEU B 223 0.59 -23.46 24.22
CA LEU B 223 0.58 -24.59 25.14
C LEU B 223 -0.03 -24.18 26.49
N LEU B 224 -1.20 -23.55 26.44
CA LEU B 224 -1.89 -23.12 27.66
C LEU B 224 -2.43 -24.35 28.38
N PRO B 225 -2.64 -24.27 29.72
CA PRO B 225 -3.06 -25.48 30.44
C PRO B 225 -4.37 -26.06 29.92
N VAL B 226 -4.36 -27.36 29.62
CA VAL B 226 -5.58 -28.08 29.22
C VAL B 226 -6.15 -28.72 30.48
N TYR B 227 -7.48 -28.72 30.58
CA TYR B 227 -8.12 -29.05 31.85
C TYR B 227 -9.21 -30.12 31.71
N GLU B 228 -9.54 -30.74 32.85
CA GLU B 228 -10.52 -31.83 32.94
C GLU B 228 -11.78 -31.34 33.63
N LEU B 229 -12.89 -32.07 33.48
CA LEU B 229 -14.18 -31.70 34.13
C LEU B 229 -14.02 -31.41 35.61
N SER B 230 -13.16 -32.19 36.26
CA SER B 230 -12.90 -32.10 37.68
C SER B 230 -12.16 -30.84 38.10
N GLY B 231 -11.64 -30.09 37.14
CA GLY B 231 -10.82 -28.93 37.44
C GLY B 231 -9.31 -29.15 37.37
N GLU B 232 -8.88 -30.40 37.28
CA GLU B 232 -7.44 -30.73 37.10
C GLU B 232 -6.84 -30.07 35.84
N HIS B 233 -5.62 -29.55 35.94
CA HIS B 233 -4.91 -28.93 34.81
C HIS B 233 -3.68 -29.76 34.39
N HIS B 234 -3.43 -29.87 33.09
CA HIS B 234 -2.22 -30.52 32.57
C HIS B 234 -1.13 -29.48 32.23
N ASP B 235 0.08 -29.94 31.94
CA ASP B 235 1.19 -29.03 31.62
C ASP B 235 1.61 -29.00 30.12
N GLU B 236 2.73 -28.31 29.82
CA GLU B 236 3.22 -28.13 28.45
C GLU B 236 3.62 -29.46 27.82
N GLU B 237 4.29 -30.28 28.60
CA GLU B 237 4.73 -31.61 28.17
C GLU B 237 3.53 -32.45 27.74
N TRP B 238 2.45 -32.36 28.50
CA TRP B 238 1.22 -33.08 28.21
C TRP B 238 0.55 -32.62 26.90
N SER B 239 0.56 -31.32 26.62
CA SER B 239 -0.07 -30.85 25.37
C SER B 239 0.74 -31.25 24.15
N VAL B 240 2.08 -31.21 24.28
CA VAL B 240 2.96 -31.64 23.18
C VAL B 240 2.75 -33.12 22.86
N LYS B 241 2.66 -33.93 23.91
CA LYS B 241 2.43 -35.36 23.77
C LYS B 241 1.07 -35.60 23.12
N THR B 242 0.06 -34.84 23.54
CA THR B 242 -1.29 -34.88 22.98
C THR B 242 -1.33 -34.49 21.48
N TYR B 243 -0.59 -33.44 21.08
CA TYR B 243 -0.51 -33.06 19.65
C TYR B 243 0.09 -34.18 18.82
N GLN B 244 1.17 -34.80 19.33
CA GLN B 244 1.86 -35.89 18.65
C GLN B 244 0.92 -37.11 18.47
N GLU B 245 0.18 -37.45 19.54
CA GLU B 245 -0.76 -38.59 19.57
C GLU B 245 -1.96 -38.42 18.66
N VAL B 246 -2.56 -37.23 18.69
CA VAL B 246 -3.67 -36.90 17.81
C VAL B 246 -3.21 -36.86 16.33
N ALA B 247 -2.06 -36.23 16.04
CA ALA B 247 -1.47 -36.26 14.69
C ALA B 247 -1.20 -37.71 14.22
N GLN B 248 -0.72 -38.55 15.11
CA GLN B 248 -0.44 -39.94 14.77
C GLN B 248 -1.71 -40.68 14.41
N LYS B 249 -2.76 -40.44 15.20
CA LYS B 249 -4.11 -40.94 14.94
C LYS B 249 -4.64 -40.49 13.56
N PHE B 250 -4.53 -39.20 13.26
CA PHE B 250 -4.93 -38.68 11.96
C PHE B 250 -4.18 -39.34 10.78
N VAL B 251 -2.85 -39.45 10.88
CA VAL B 251 -2.03 -40.06 9.82
C VAL B 251 -2.43 -41.55 9.58
N GLU B 252 -2.78 -42.26 10.65
CA GLU B 252 -3.28 -43.62 10.56
C GLU B 252 -4.43 -43.82 9.58
N THR B 253 -5.36 -42.87 9.50
CA THR B 253 -6.45 -42.99 8.55
C THR B 253 -6.36 -42.04 7.35
N HIS B 254 -5.29 -41.26 7.29
CA HIS B 254 -5.04 -40.35 6.18
C HIS B 254 -3.57 -40.50 5.81
N PRO B 255 -3.22 -41.62 5.14
CA PRO B 255 -1.80 -41.98 5.02
C PRO B 255 -0.95 -41.04 4.17
N GLU B 256 -1.58 -40.22 3.32
CA GLU B 256 -0.82 -39.18 2.59
C GLU B 256 -0.49 -37.91 3.42
N PHE B 257 -1.18 -37.72 4.54
CA PHE B 257 -0.90 -36.63 5.48
C PHE B 257 0.47 -36.84 6.16
N ILE B 258 1.30 -35.80 6.17
CA ILE B 258 2.65 -35.88 6.75
C ILE B 258 2.58 -35.75 8.29
N GLY B 259 1.81 -34.80 8.81
CA GLY B 259 1.68 -34.65 10.25
C GLY B 259 1.82 -33.21 10.70
N ILE B 260 2.20 -33.01 11.96
CA ILE B 260 2.32 -31.64 12.45
C ILE B 260 3.57 -31.47 13.30
N LYS B 261 4.07 -30.25 13.36
CA LYS B 261 5.03 -29.88 14.38
C LYS B 261 4.58 -28.59 15.12
N ILE B 262 5.18 -28.38 16.29
CA ILE B 262 4.79 -27.33 17.20
C ILE B 262 5.97 -26.35 17.34
N ILE B 263 5.66 -25.07 17.21
CA ILE B 263 6.57 -24.02 17.56
C ILE B 263 6.02 -23.44 18.86
N TYR B 264 6.72 -23.67 19.96
CA TYR B 264 6.25 -23.13 21.24
C TYR B 264 6.34 -21.60 21.21
N SER B 265 5.27 -20.92 21.61
CA SER B 265 5.24 -19.44 21.55
C SER B 265 4.83 -18.83 22.89
N ASP B 266 5.27 -17.60 23.16
CA ASP B 266 4.77 -16.85 24.32
C ASP B 266 4.52 -15.36 23.94
N HIS B 267 3.77 -14.66 24.77
CA HIS B 267 3.21 -13.38 24.38
C HIS B 267 4.22 -12.27 24.66
N ARG B 268 4.41 -11.39 23.67
CA ARG B 268 5.41 -10.33 23.74
C ARG B 268 5.07 -9.12 24.64
N SER B 269 4.00 -9.21 25.42
CA SER B 269 3.71 -8.19 26.45
C SER B 269 4.43 -8.53 27.77
N LYS B 270 4.94 -9.76 27.88
CA LYS B 270 5.51 -10.29 29.13
C LYS B 270 6.92 -9.76 29.46
N ASP B 271 7.24 -9.72 30.76
CA ASP B 271 8.54 -9.22 31.21
C ASP B 271 9.64 -10.14 30.75
N VAL B 272 10.83 -9.61 30.57
CA VAL B 272 11.99 -10.36 30.09
C VAL B 272 12.31 -11.62 30.94
N ALA B 273 12.23 -11.51 32.27
CA ALA B 273 12.45 -12.66 33.15
C ALA B 273 11.43 -13.79 32.92
N VAL B 274 10.18 -13.42 32.65
CA VAL B 274 9.13 -14.39 32.40
C VAL B 274 9.43 -15.13 31.08
N ILE B 275 9.86 -14.38 30.06
CA ILE B 275 10.27 -14.96 28.78
C ILE B 275 11.52 -15.84 28.91
N ALA B 276 12.44 -15.50 29.82
CA ALA B 276 13.62 -16.35 30.04
C ALA B 276 13.18 -17.76 30.50
N GLU B 277 12.11 -17.79 31.31
CA GLU B 277 11.51 -19.04 31.75
C GLU B 277 10.91 -19.83 30.58
N SER B 278 10.29 -19.12 29.63
CA SER B 278 9.73 -19.77 28.44
C SER B 278 10.81 -20.35 27.56
N ILE B 279 11.92 -19.62 27.44
CA ILE B 279 13.07 -20.11 26.70
C ILE B 279 13.66 -21.40 27.31
N ARG B 280 13.72 -21.48 28.64
CA ARG B 280 14.21 -22.71 29.28
C ARG B 280 13.24 -23.86 29.06
N MET B 281 11.96 -23.55 29.15
CA MET B 281 10.90 -24.50 28.83
C MET B 281 11.05 -25.02 27.38
N ALA B 282 11.28 -24.11 26.44
CA ALA B 282 11.47 -24.50 25.02
C ALA B 282 12.63 -25.47 24.83
N MET B 283 13.79 -25.15 25.42
CA MET B 283 14.94 -26.08 25.38
C MET B 283 14.58 -27.46 25.93
N GLY B 284 13.93 -27.49 27.08
CA GLY B 284 13.50 -28.76 27.69
C GLY B 284 12.55 -29.56 26.80
N LEU B 285 11.61 -28.85 26.18
CA LEU B 285 10.62 -29.49 25.31
C LEU B 285 11.32 -30.07 24.07
N ARG B 286 12.36 -29.39 23.60
CA ARG B 286 13.14 -29.87 22.45
C ARG B 286 13.92 -31.16 22.75
N ILE B 287 14.46 -31.27 23.96
CA ILE B 287 15.14 -32.51 24.43
C ILE B 287 14.15 -33.67 24.53
N LYS B 288 12.99 -33.39 25.12
CA LYS B 288 11.99 -34.40 25.40
C LYS B 288 11.26 -34.82 24.11
N PHE B 289 11.04 -33.86 23.21
CA PHE B 289 10.29 -34.12 21.99
C PHE B 289 10.99 -33.63 20.73
N PRO B 290 12.20 -34.16 20.41
CA PRO B 290 12.99 -33.54 19.34
C PRO B 290 12.32 -33.67 17.96
N THR B 291 11.38 -34.59 17.84
CA THR B 291 10.65 -34.93 16.62
C THR B 291 9.36 -34.08 16.41
N VAL B 292 8.88 -33.45 17.48
CA VAL B 292 7.59 -32.76 17.53
C VAL B 292 7.77 -31.22 17.67
N VAL B 293 8.70 -30.79 18.52
CA VAL B 293 8.88 -29.36 18.82
C VAL B 293 10.01 -28.81 17.97
N ALA B 294 9.66 -27.86 17.10
CA ALA B 294 10.63 -27.27 16.19
C ALA B 294 11.45 -26.12 16.78
N GLY B 295 10.91 -25.43 17.79
CA GLY B 295 11.53 -24.18 18.27
C GLY B 295 10.55 -23.24 18.95
N PHE B 296 10.90 -21.95 18.95
CA PHE B 296 10.20 -20.93 19.76
C PHE B 296 9.89 -19.68 18.95
N ASP B 297 8.82 -18.96 19.32
CA ASP B 297 8.43 -17.70 18.67
C ASP B 297 7.77 -16.82 19.70
N LEU B 298 7.74 -15.52 19.44
CA LEU B 298 7.05 -14.54 20.29
C LEU B 298 5.89 -13.94 19.49
N VAL B 299 4.71 -13.93 20.09
CA VAL B 299 3.48 -13.53 19.42
C VAL B 299 2.78 -12.38 20.13
N GLY B 300 1.71 -11.87 19.51
CA GLY B 300 1.00 -10.69 20.04
C GLY B 300 1.19 -9.45 19.17
N HIS B 301 0.51 -8.37 19.53
CA HIS B 301 0.53 -7.10 18.78
C HIS B 301 1.93 -6.51 18.77
N GLU B 302 2.58 -6.49 17.61
CA GLU B 302 4.00 -6.15 17.54
C GLU B 302 4.28 -4.66 17.75
N ASP B 303 3.35 -3.83 17.30
CA ASP B 303 3.47 -2.38 17.44
C ASP B 303 3.50 -1.95 18.92
N THR B 304 2.75 -2.66 19.76
CA THR B 304 2.56 -2.26 21.16
C THR B 304 3.29 -3.12 22.19
N GLY B 305 3.97 -4.18 21.77
CA GLY B 305 4.69 -5.05 22.71
C GLY B 305 6.19 -4.84 22.74
N HIS B 306 6.88 -5.72 23.44
CA HIS B 306 8.32 -5.62 23.53
C HIS B 306 8.96 -6.02 22.19
N SER B 307 10.09 -5.39 21.91
CA SER B 307 10.87 -5.71 20.72
C SER B 307 11.76 -6.92 21.02
N LEU B 308 12.29 -7.53 19.97
CA LEU B 308 13.23 -8.62 20.15
C LEU B 308 14.48 -8.12 20.88
N HIS B 309 14.95 -6.91 20.53
CA HIS B 309 16.04 -6.29 21.26
C HIS B 309 15.82 -6.24 22.78
N ASP B 310 14.63 -5.85 23.22
CA ASP B 310 14.30 -5.80 24.64
C ASP B 310 14.51 -7.17 25.30
N TYR B 311 14.36 -8.25 24.52
CA TYR B 311 14.41 -9.60 25.07
C TYR B 311 15.77 -10.23 24.87
N LYS B 312 16.75 -9.45 24.48
CA LYS B 312 18.05 -10.00 24.09
C LYS B 312 18.62 -10.96 25.13
N GLU B 313 18.50 -10.58 26.41
CA GLU B 313 19.07 -11.37 27.49
C GLU B 313 18.48 -12.78 27.53
N ALA B 314 17.15 -12.88 27.50
CA ALA B 314 16.46 -14.18 27.43
C ALA B 314 16.78 -14.98 26.16
N LEU B 315 16.71 -14.32 25.01
CA LEU B 315 16.87 -14.96 23.70
C LEU B 315 18.27 -15.50 23.44
N MET B 316 19.24 -15.01 24.22
CA MET B 316 20.65 -15.48 24.17
C MET B 316 20.96 -16.62 25.16
N ILE B 317 20.01 -16.97 26.02
CA ILE B 317 20.21 -18.06 27.00
C ILE B 317 20.71 -19.36 26.33
N PRO B 318 20.06 -19.82 25.24
CA PRO B 318 20.57 -21.07 24.64
C PRO B 318 22.03 -20.99 24.18
N ALA B 319 22.41 -19.89 23.52
CA ALA B 319 23.79 -19.71 23.09
C ALA B 319 24.76 -19.68 24.30
N LYS B 320 24.41 -18.94 25.35
CA LYS B 320 25.22 -18.87 26.58
C LYS B 320 25.29 -20.24 27.29
N ASP B 321 24.25 -21.07 27.13
CA ASP B 321 24.23 -22.46 27.63
C ASP B 321 24.76 -23.48 26.62
N GLY B 322 25.31 -23.02 25.49
CA GLY B 322 25.87 -23.93 24.47
C GLY B 322 24.90 -24.73 23.59
N VAL B 323 23.63 -24.31 23.53
CA VAL B 323 22.59 -25.04 22.79
C VAL B 323 21.98 -24.19 21.66
N LYS B 324 21.60 -24.82 20.55
CA LYS B 324 20.89 -24.15 19.47
C LYS B 324 19.37 -24.27 19.71
N LEU B 325 18.70 -23.18 20.03
CA LEU B 325 17.24 -23.17 20.02
C LEU B 325 16.73 -22.47 18.73
N PRO B 326 16.14 -23.24 17.81
CA PRO B 326 15.69 -22.62 16.56
C PRO B 326 14.57 -21.60 16.85
N TYR B 327 14.62 -20.49 16.13
CA TYR B 327 13.64 -19.43 16.27
C TYR B 327 12.84 -19.26 14.96
N PHE B 328 11.60 -18.83 15.10
CA PHE B 328 10.66 -18.57 13.98
C PHE B 328 9.94 -17.24 14.22
N PHE B 329 10.69 -16.15 14.36
CA PHE B 329 10.11 -14.89 14.87
C PHE B 329 9.09 -14.21 13.91
N HIS B 330 7.87 -13.95 14.38
CA HIS B 330 7.09 -12.82 13.88
C HIS B 330 7.99 -11.57 13.92
N ALA B 331 8.06 -10.84 12.81
CA ALA B 331 8.85 -9.62 12.75
C ALA B 331 8.46 -8.72 11.58
N GLY B 332 8.41 -7.42 11.86
CA GLY B 332 8.11 -6.40 10.87
C GLY B 332 6.66 -6.41 10.39
N GLU B 333 5.77 -6.94 11.21
CA GLU B 333 4.32 -6.90 10.97
C GLU B 333 3.78 -5.52 11.36
N THR B 334 4.08 -4.51 10.53
CA THR B 334 3.90 -3.10 10.89
C THR B 334 3.96 -2.19 9.68
N ASP B 335 3.21 -1.09 9.77
CA ASP B 335 3.23 -0.02 8.80
C ASP B 335 4.30 0.98 9.06
N TRP B 336 4.86 0.97 10.28
CA TRP B 336 5.90 1.95 10.60
C TRP B 336 7.18 1.57 9.88
N GLN B 337 8.03 2.56 9.66
CA GLN B 337 9.29 2.39 8.96
C GLN B 337 10.36 3.21 9.68
N GLY B 338 11.55 2.63 9.84
CA GLY B 338 12.65 3.32 10.49
C GLY B 338 12.54 3.34 12.00
N THR B 339 11.66 2.49 12.55
CA THR B 339 11.43 2.45 13.99
C THR B 339 11.99 1.19 14.65
N SER B 340 11.92 1.11 15.98
CA SER B 340 12.29 -0.13 16.68
C SER B 340 11.39 -1.33 16.30
N ILE B 341 10.16 -1.06 15.84
CA ILE B 341 9.29 -2.18 15.46
C ILE B 341 9.79 -2.90 14.21
N ASP B 342 10.02 -2.15 13.12
CA ASP B 342 10.48 -2.79 11.88
C ASP B 342 11.96 -3.24 11.94
N ARG B 343 12.72 -2.70 12.90
CA ARG B 343 14.05 -3.26 13.19
C ARG B 343 14.00 -4.69 13.76
N ASN B 344 12.83 -5.16 14.18
CA ASN B 344 12.71 -6.56 14.62
C ASN B 344 13.12 -7.56 13.56
N ILE B 345 13.07 -7.19 12.28
CA ILE B 345 13.43 -8.14 11.23
C ILE B 345 14.95 -8.37 11.23
N LEU B 346 15.69 -7.28 11.30
CA LEU B 346 17.12 -7.33 11.41
C LEU B 346 17.53 -8.15 12.64
N ASP B 347 16.86 -7.91 13.77
CA ASP B 347 17.18 -8.62 15.01
C ASP B 347 16.79 -10.10 14.99
N ALA B 348 15.68 -10.42 14.34
CA ALA B 348 15.32 -11.81 14.09
C ALA B 348 16.46 -12.51 13.36
N LEU B 349 16.96 -11.86 12.31
CA LEU B 349 18.04 -12.42 11.48
C LEU B 349 19.38 -12.57 12.26
N MET B 350 19.68 -11.58 13.10
CA MET B 350 20.85 -11.63 13.98
C MET B 350 20.77 -12.75 15.01
N LEU B 351 19.55 -13.13 15.36
CA LEU B 351 19.30 -14.27 16.24
C LEU B 351 19.15 -15.63 15.51
N ASN B 352 19.58 -15.67 14.25
CA ASN B 352 19.57 -16.87 13.39
C ASN B 352 18.19 -17.52 13.17
N THR B 353 17.16 -16.68 13.04
CA THR B 353 15.80 -17.18 12.84
C THR B 353 15.74 -18.09 11.60
N THR B 354 14.91 -19.14 11.62
CA THR B 354 14.82 -20.11 10.52
C THR B 354 13.87 -19.58 9.43
N ARG B 355 12.74 -18.97 9.85
CA ARG B 355 11.82 -18.26 8.97
C ARG B 355 11.40 -16.93 9.65
N ILE B 356 10.97 -15.97 8.86
CA ILE B 356 10.40 -14.72 9.37
C ILE B 356 8.87 -14.71 9.21
N GLY B 357 8.14 -14.56 10.29
CA GLY B 357 6.66 -14.40 10.20
C GLY B 357 6.31 -13.01 9.70
N HIS B 358 5.56 -12.95 8.57
CA HIS B 358 5.20 -11.69 7.89
C HIS B 358 6.35 -10.96 7.14
N GLY B 359 7.27 -10.34 7.89
CA GLY B 359 8.31 -9.51 7.26
C GLY B 359 7.69 -8.46 6.34
N PHE B 360 6.50 -7.97 6.73
CA PHE B 360 5.73 -7.00 5.95
C PHE B 360 6.61 -5.77 5.61
N ALA B 361 7.41 -5.34 6.58
CA ALA B 361 8.26 -4.17 6.41
C ALA B 361 9.59 -4.45 5.63
N LEU B 362 9.81 -5.70 5.22
CA LEU B 362 11.09 -6.12 4.61
C LEU B 362 11.54 -5.34 3.37
N SER B 363 10.61 -5.10 2.45
CA SER B 363 10.93 -4.38 1.21
C SER B 363 11.47 -2.93 1.41
N LYS B 364 11.31 -2.40 2.61
CA LYS B 364 11.75 -1.04 2.91
C LYS B 364 13.16 -1.05 3.50
N HIS B 365 13.75 -2.25 3.59
CA HIS B 365 15.10 -2.46 4.18
C HIS B 365 16.00 -3.23 3.24
N PRO B 366 16.57 -2.55 2.23
CA PRO B 366 17.26 -3.35 1.19
C PRO B 366 18.51 -4.14 1.65
N ALA B 367 19.27 -3.67 2.65
CA ALA B 367 20.41 -4.48 3.18
C ALA B 367 19.90 -5.70 3.91
N VAL B 368 18.85 -5.53 4.70
CA VAL B 368 18.26 -6.65 5.43
C VAL B 368 17.69 -7.68 4.46
N ARG B 369 17.04 -7.15 3.42
CA ARG B 369 16.45 -7.98 2.36
C ARG B 369 17.52 -8.84 1.65
N THR B 370 18.63 -8.22 1.27
CA THR B 370 19.77 -8.92 0.68
C THR B 370 20.35 -9.99 1.62
N TYR B 371 20.48 -9.65 2.91
CA TYR B 371 20.98 -10.59 3.91
C TYR B 371 20.12 -11.85 4.00
N SER B 372 18.81 -11.65 4.17
CA SER B 372 17.91 -12.78 4.27
C SER B 372 17.89 -13.62 2.98
N TRP B 373 18.04 -12.96 1.84
CA TRP B 373 18.15 -13.64 0.56
C TRP B 373 19.43 -14.51 0.52
N LYS B 374 20.55 -13.94 0.97
CA LYS B 374 21.85 -14.68 0.98
C LYS B 374 21.90 -15.86 1.95
N LYS B 375 21.29 -15.73 3.13
CA LYS B 375 21.18 -16.86 4.03
C LYS B 375 19.96 -17.76 3.74
N ASP B 376 19.27 -17.55 2.61
CA ASP B 376 18.05 -18.31 2.25
C ASP B 376 17.03 -18.41 3.39
N ILE B 377 16.73 -17.27 4.03
CA ILE B 377 15.73 -17.23 5.10
C ILE B 377 14.40 -16.65 4.57
N PRO B 378 13.33 -17.47 4.55
CA PRO B 378 12.09 -17.01 3.90
C PRO B 378 11.19 -16.21 4.83
N ILE B 379 10.34 -15.39 4.23
CA ILE B 379 9.21 -14.80 4.94
C ILE B 379 7.94 -15.65 4.74
N GLU B 380 7.08 -15.63 5.75
CA GLU B 380 5.81 -16.32 5.75
C GLU B 380 4.74 -15.27 5.54
N VAL B 381 4.10 -15.29 4.37
CA VAL B 381 3.17 -14.22 4.08
C VAL B 381 1.72 -14.65 4.23
N CYS B 382 0.98 -13.80 4.95
CA CYS B 382 -0.41 -14.09 5.33
C CYS B 382 -1.30 -12.90 4.90
N PRO B 383 -1.70 -12.88 3.61
CA PRO B 383 -2.25 -11.64 3.09
C PRO B 383 -3.60 -11.21 3.73
N ILE B 384 -4.48 -12.16 4.02
CA ILE B 384 -5.82 -11.79 4.57
C ILE B 384 -5.68 -11.21 5.98
N SER B 385 -4.82 -11.83 6.76
CA SER B 385 -4.46 -11.29 8.08
C SER B 385 -4.04 -9.80 7.97
N ASN B 386 -3.07 -9.51 7.10
CA ASN B 386 -2.60 -8.15 6.89
C ASN B 386 -3.71 -7.15 6.47
N GLN B 387 -4.68 -7.61 5.66
CA GLN B 387 -5.79 -6.75 5.30
C GLN B 387 -6.77 -6.54 6.46
N VAL B 388 -7.23 -7.64 7.06
CA VAL B 388 -8.19 -7.58 8.17
C VAL B 388 -7.67 -6.78 9.37
N LEU B 389 -6.37 -6.90 9.67
CA LEU B 389 -5.77 -6.16 10.80
C LEU B 389 -5.22 -4.79 10.37
N LYS B 390 -5.62 -4.37 9.17
CA LYS B 390 -5.51 -2.98 8.71
C LYS B 390 -4.07 -2.49 8.40
N LEU B 391 -3.17 -3.40 8.05
CA LEU B 391 -1.84 -3.01 7.58
C LEU B 391 -1.86 -2.45 6.15
N VAL B 392 -2.82 -2.90 5.35
CA VAL B 392 -2.95 -2.40 3.98
C VAL B 392 -4.39 -2.60 3.52
N SER B 393 -4.92 -1.62 2.78
CA SER B 393 -6.35 -1.68 2.47
C SER B 393 -6.64 -2.50 1.17
N ASP B 394 -5.89 -2.20 0.12
CA ASP B 394 -5.98 -2.83 -1.21
C ASP B 394 -4.78 -3.75 -1.32
N LEU B 395 -5.00 -5.06 -1.46
CA LEU B 395 -3.88 -6.02 -1.52
C LEU B 395 -3.00 -5.89 -2.76
N ARG B 396 -3.49 -5.17 -3.80
CA ARG B 396 -2.63 -4.82 -4.94
C ARG B 396 -1.44 -3.97 -4.47
N ASN B 397 -1.59 -3.26 -3.34
CA ASN B 397 -0.49 -2.44 -2.76
C ASN B 397 0.35 -3.19 -1.74
N HIS B 398 0.12 -4.50 -1.56
CA HIS B 398 0.86 -5.25 -0.54
C HIS B 398 2.36 -5.20 -0.89
N PRO B 399 3.24 -4.89 0.10
CA PRO B 399 4.70 -4.78 -0.21
C PRO B 399 5.35 -6.07 -0.70
N VAL B 400 4.72 -7.21 -0.45
CA VAL B 400 5.27 -8.49 -0.98
C VAL B 400 5.25 -8.56 -2.52
N ALA B 401 4.42 -7.73 -3.15
CA ALA B 401 4.45 -7.65 -4.62
C ALA B 401 5.88 -7.41 -5.15
N THR B 402 6.58 -6.41 -4.59
CA THR B 402 7.98 -6.15 -4.98
C THR B 402 8.90 -7.36 -4.77
N LEU B 403 8.67 -8.08 -3.68
CA LEU B 403 9.48 -9.27 -3.36
C LEU B 403 9.18 -10.45 -4.31
N MET B 404 7.90 -10.64 -4.65
CA MET B 404 7.54 -11.65 -5.66
C MET B 404 8.22 -11.38 -7.03
N ALA B 405 8.35 -10.10 -7.41
CA ALA B 405 8.93 -9.72 -8.68
C ALA B 405 10.44 -10.05 -8.79
N THR B 406 11.11 -10.23 -7.64
CA THR B 406 12.52 -10.62 -7.68
C THR B 406 12.70 -12.04 -7.19
N GLY B 407 11.61 -12.77 -7.03
CA GLY B 407 11.67 -14.17 -6.59
C GLY B 407 12.26 -14.42 -5.21
N HIS B 408 12.01 -13.50 -4.27
CA HIS B 408 12.50 -13.61 -2.89
C HIS B 408 11.97 -14.91 -2.27
N PRO B 409 12.76 -15.62 -1.43
CA PRO B 409 12.27 -16.83 -0.72
C PRO B 409 11.03 -16.55 0.17
N MET B 410 9.97 -17.29 -0.04
CA MET B 410 8.74 -17.08 0.72
C MET B 410 7.80 -18.26 0.64
N VAL B 411 6.94 -18.35 1.65
CA VAL B 411 5.85 -19.30 1.71
C VAL B 411 4.55 -18.53 2.00
N ILE B 412 3.44 -19.12 1.57
CA ILE B 412 2.12 -18.53 1.87
C ILE B 412 1.45 -19.36 2.96
N SER B 413 0.84 -18.67 3.92
CA SER B 413 0.03 -19.36 4.93
C SER B 413 -1.18 -18.50 5.28
N SER B 414 -2.01 -18.97 6.22
CA SER B 414 -3.27 -18.29 6.54
C SER B 414 -3.38 -17.67 7.97
N ASP B 415 -2.46 -18.00 8.87
CA ASP B 415 -2.32 -17.32 10.17
C ASP B 415 -3.43 -17.74 11.15
N ASP B 416 -4.60 -17.09 11.08
CA ASP B 416 -5.75 -17.42 11.91
C ASP B 416 -7.04 -17.40 11.09
N PRO B 417 -7.15 -18.29 10.07
CA PRO B 417 -8.22 -18.15 9.08
C PRO B 417 -9.62 -18.09 9.68
N ALA B 418 -9.86 -18.87 10.73
CA ALA B 418 -11.19 -18.94 11.37
C ALA B 418 -11.73 -17.58 11.84
N MET B 419 -10.81 -16.69 12.26
CA MET B 419 -11.20 -15.38 12.76
C MET B 419 -11.63 -14.40 11.67
N PHE B 420 -11.31 -14.74 10.42
CA PHE B 420 -11.51 -13.84 9.29
C PHE B 420 -12.62 -14.36 8.38
N GLY B 421 -13.12 -15.56 8.70
CA GLY B 421 -14.08 -16.24 7.85
C GLY B 421 -13.42 -17.02 6.71
N ALA B 422 -12.12 -17.31 6.83
CA ALA B 422 -11.45 -18.14 5.85
C ALA B 422 -11.32 -19.60 6.38
N LYS B 423 -10.80 -20.45 5.54
CA LYS B 423 -10.63 -21.86 5.85
C LYS B 423 -9.38 -22.36 5.07
N GLY B 424 -8.51 -23.11 5.74
CA GLY B 424 -7.34 -23.68 5.09
C GLY B 424 -6.40 -22.62 4.49
N LEU B 425 -5.89 -22.93 3.30
CA LEU B 425 -4.95 -22.09 2.58
C LEU B 425 -5.47 -21.43 1.27
N SER B 426 -6.55 -21.93 0.68
CA SER B 426 -6.93 -21.48 -0.70
C SER B 426 -7.30 -20.00 -0.85
N TYR B 427 -7.89 -19.41 0.18
CA TYR B 427 -8.28 -17.99 0.11
C TYR B 427 -7.04 -17.09 0.10
N ASP B 428 -6.07 -17.40 0.93
CA ASP B 428 -4.77 -16.72 0.88
C ASP B 428 -3.98 -16.94 -0.44
N PHE B 429 -3.97 -18.16 -0.95
CA PHE B 429 -3.41 -18.41 -2.27
C PHE B 429 -4.12 -17.58 -3.39
N TYR B 430 -5.44 -17.47 -3.34
CA TYR B 430 -6.15 -16.60 -4.30
C TYR B 430 -5.66 -15.12 -4.20
N GLU B 431 -5.54 -14.60 -2.98
CA GLU B 431 -5.14 -13.20 -2.80
C GLU B 431 -3.74 -12.97 -3.37
N VAL B 432 -2.85 -13.91 -3.08
CA VAL B 432 -1.46 -13.82 -3.60
C VAL B 432 -1.45 -13.91 -5.16
N PHE B 433 -2.14 -14.91 -5.70
CA PHE B 433 -2.09 -15.19 -7.14
C PHE B 433 -2.79 -14.14 -8.02
N MET B 434 -3.90 -13.59 -7.50
CA MET B 434 -4.65 -12.57 -8.23
C MET B 434 -4.25 -11.14 -7.84
N GLY B 435 -4.09 -10.89 -6.54
CA GLY B 435 -3.86 -9.53 -6.05
C GLY B 435 -2.40 -9.12 -6.03
N ILE B 436 -1.56 -9.90 -5.37
CA ILE B 436 -0.21 -9.45 -5.04
C ILE B 436 0.77 -9.68 -6.17
N GLY B 437 0.66 -10.83 -6.81
CA GLY B 437 1.60 -11.22 -7.87
C GLY B 437 1.28 -10.63 -9.23
N GLY B 438 0.12 -9.99 -9.35
CA GLY B 438 -0.25 -9.35 -10.61
C GLY B 438 -0.70 -10.29 -11.71
N MET B 439 -1.03 -9.72 -12.86
CA MET B 439 -1.61 -10.50 -13.99
C MET B 439 -0.65 -11.55 -14.56
N LYS B 440 0.64 -11.29 -14.47
CA LYS B 440 1.63 -12.24 -14.98
C LYS B 440 1.93 -13.45 -14.07
N ALA B 441 1.54 -13.43 -12.79
CA ALA B 441 1.76 -14.63 -11.96
C ALA B 441 0.99 -15.79 -12.57
N ASP B 442 1.66 -16.94 -12.67
CA ASP B 442 1.16 -18.06 -13.47
C ASP B 442 1.33 -19.40 -12.73
N LEU B 443 1.12 -20.51 -13.44
CA LEU B 443 1.29 -21.82 -12.83
C LEU B 443 2.67 -22.05 -12.18
N ARG B 444 3.74 -21.47 -12.74
CA ARG B 444 5.10 -21.62 -12.16
C ARG B 444 5.15 -20.91 -10.79
N THR B 445 4.52 -19.73 -10.70
CA THR B 445 4.34 -19.04 -9.38
C THR B 445 3.75 -19.97 -8.34
N LEU B 446 2.64 -20.61 -8.69
CA LEU B 446 1.94 -21.50 -7.77
C LEU B 446 2.74 -22.74 -7.38
N LYS B 447 3.35 -23.39 -8.37
CA LYS B 447 4.21 -24.56 -8.14
C LYS B 447 5.43 -24.23 -7.27
N GLN B 448 6.09 -23.11 -7.53
CA GLN B 448 7.19 -22.69 -6.67
C GLN B 448 6.79 -22.49 -5.21
N LEU B 449 5.64 -21.86 -4.98
CA LEU B 449 5.19 -21.58 -3.62
C LEU B 449 4.85 -22.87 -2.85
N ALA B 450 4.19 -23.81 -3.56
CA ALA B 450 3.87 -25.13 -2.99
C ALA B 450 5.18 -25.85 -2.62
N MET B 451 6.08 -25.90 -3.57
CA MET B 451 7.37 -26.55 -3.33
C MET B 451 8.20 -25.87 -2.22
N ASN B 452 8.22 -24.53 -2.22
CA ASN B 452 8.84 -23.77 -1.13
C ASN B 452 8.38 -24.18 0.24
N SER B 453 7.10 -24.51 0.39
CA SER B 453 6.58 -24.81 1.71
C SER B 453 7.04 -26.17 2.24
N ILE B 454 7.52 -27.03 1.32
CA ILE B 454 8.16 -28.29 1.71
C ILE B 454 9.64 -28.01 2.03
N LYS B 455 10.31 -27.30 1.12
CA LYS B 455 11.70 -26.90 1.28
C LYS B 455 11.98 -26.20 2.63
N TYR B 456 11.10 -25.28 3.03
CA TYR B 456 11.38 -24.41 4.17
C TYR B 456 10.78 -24.95 5.46
N SER B 457 10.16 -26.14 5.39
CA SER B 457 9.67 -26.79 6.58
C SER B 457 10.88 -27.23 7.44
N THR B 458 10.59 -27.72 8.64
CA THR B 458 11.62 -28.16 9.62
C THR B 458 11.79 -29.70 9.58
N LEU B 459 11.24 -30.33 8.55
CA LEU B 459 11.35 -31.77 8.43
C LEU B 459 12.80 -32.19 8.11
N LEU B 460 13.17 -33.43 8.48
CA LEU B 460 14.45 -34.00 8.01
C LEU B 460 14.48 -33.99 6.49
N GLU B 461 15.66 -33.86 5.90
CA GLU B 461 15.79 -33.91 4.44
C GLU B 461 15.20 -35.19 3.81
N SER B 462 15.32 -36.30 4.53
CA SER B 462 14.77 -37.57 4.05
C SER B 462 13.23 -37.55 4.08
N GLU B 463 12.67 -36.86 5.06
CA GLU B 463 11.21 -36.66 5.15
C GLU B 463 10.67 -35.68 4.11
N LYS B 464 11.42 -34.63 3.81
CA LYS B 464 11.08 -33.68 2.73
C LYS B 464 11.04 -34.38 1.37
N ASN B 465 12.05 -35.22 1.13
CA ASN B 465 12.08 -36.15 0.00
C ASN B 465 10.82 -37.01 -0.18
N THR B 466 10.37 -37.64 0.90
CA THR B 466 9.11 -38.42 0.90
C THR B 466 7.85 -37.54 0.68
N PHE B 467 7.84 -36.41 1.37
CA PHE B 467 6.77 -35.41 1.22
C PHE B 467 6.73 -34.98 -0.25
N MET B 468 7.87 -34.61 -0.81
CA MET B 468 7.95 -34.21 -2.22
C MET B 468 7.37 -35.28 -3.16
N GLU B 469 7.65 -36.56 -2.87
CA GLU B 469 7.12 -37.68 -3.69
C GLU B 469 5.60 -37.77 -3.66
N ILE B 470 5.04 -37.66 -2.44
CA ILE B 470 3.60 -37.65 -2.24
C ILE B 470 2.98 -36.40 -2.91
N TRP B 471 3.62 -35.25 -2.70
CA TRP B 471 3.13 -34.03 -3.31
C TRP B 471 3.12 -34.12 -4.85
N LYS B 472 4.22 -34.60 -5.44
CA LYS B 472 4.35 -34.67 -6.91
C LYS B 472 3.24 -35.50 -7.58
N LYS B 473 2.85 -36.61 -6.95
CA LYS B 473 1.72 -37.43 -7.40
C LYS B 473 0.41 -36.66 -7.37
N ARG B 474 0.19 -35.90 -6.30
CA ARG B 474 -1.04 -35.10 -6.22
C ARG B 474 -1.00 -33.95 -7.24
N TRP B 475 0.18 -33.41 -7.47
CA TRP B 475 0.36 -32.32 -8.45
C TRP B 475 -0.01 -32.82 -9.86
N ASP B 476 0.59 -33.93 -10.27
CA ASP B 476 0.30 -34.53 -11.59
C ASP B 476 -1.17 -34.80 -11.85
N LYS B 477 -1.87 -35.33 -10.86
CA LYS B 477 -3.34 -35.54 -10.93
C LYS B 477 -4.13 -34.22 -11.07
N PHE B 478 -3.63 -33.21 -10.37
CA PHE B 478 -4.23 -31.88 -10.40
C PHE B 478 -4.04 -31.29 -11.81
N ILE B 479 -2.83 -31.39 -12.34
CA ILE B 479 -2.52 -30.93 -13.69
C ILE B 479 -3.42 -31.63 -14.73
N ALA B 480 -3.58 -32.95 -14.60
CA ALA B 480 -4.41 -33.69 -15.53
C ALA B 480 -5.84 -33.19 -15.48
N ASP B 481 -6.34 -32.90 -14.28
CA ASP B 481 -7.72 -32.41 -14.13
C ASP B 481 -7.91 -31.06 -14.78
N VAL B 482 -7.07 -30.10 -14.42
CA VAL B 482 -7.10 -28.75 -15.00
C VAL B 482 -6.95 -28.75 -16.53
N ALA B 483 -6.03 -29.56 -17.06
CA ALA B 483 -5.78 -29.62 -18.50
C ALA B 483 -6.98 -30.21 -19.25
N THR B 484 -7.65 -31.17 -18.61
CA THR B 484 -8.94 -31.69 -19.08
C THR B 484 -10.07 -30.91 -18.42
C1 NAG C . -8.73 40.61 -7.95
C2 NAG C . -8.61 41.78 -7.00
C3 NAG C . -7.61 42.86 -7.47
C4 NAG C . -6.76 42.52 -8.71
C5 NAG C . -6.77 41.05 -9.20
C6 NAG C . -5.35 40.54 -9.39
C7 NAG C . -10.39 42.63 -5.56
C8 NAG C . -11.75 43.27 -5.46
N2 NAG C . -9.92 42.40 -6.79
O3 NAG C . -6.76 43.20 -6.40
O4 NAG C . -7.19 43.34 -9.78
O5 NAG C . -7.42 40.19 -8.29
O6 NAG C . -5.44 39.24 -9.92
O7 NAG C . -9.77 42.35 -4.55
C1 NAG D . -22.39 23.32 -6.34
C2 NAG D . -22.79 22.48 -5.11
C3 NAG D . -24.30 22.27 -5.00
C4 NAG D . -25.15 23.47 -5.44
C5 NAG D . -24.57 24.22 -6.65
C6 NAG D . -25.29 25.56 -6.91
C7 NAG D . -21.48 20.62 -4.16
C8 NAG D . -20.87 19.27 -4.40
N2 NAG D . -22.13 21.18 -5.18
O3 NAG D . -24.64 21.93 -3.67
O4 NAG D . -26.46 23.01 -5.75
O5 NAG D . -23.21 24.48 -6.46
O6 NAG D . -25.40 26.31 -5.72
O7 NAG D . -21.36 21.16 -3.07
C1 NAG E . 15.60 7.37 -28.75
C2 NAG E . 14.92 7.71 -30.07
C3 NAG E . 15.38 6.76 -31.18
C4 NAG E . 16.90 6.58 -31.22
C5 NAG E . 17.47 6.36 -29.81
C6 NAG E . 18.99 6.38 -29.81
C7 NAG E . 12.67 8.68 -29.97
C8 NAG E . 11.21 8.34 -29.90
N2 NAG E . 13.47 7.62 -30.00
O3 NAG E . 14.93 7.26 -32.42
O4 NAG E . 17.20 5.48 -32.07
O5 NAG E . 17.01 7.39 -28.92
O6 NAG E . 19.38 7.64 -30.31
O7 NAG E . 13.02 9.86 -30.01
ZN ZN F . -0.12 14.84 -13.47
C1 EDO G . -24.23 41.30 -19.83
O1 EDO G . -23.87 40.60 -20.99
C2 EDO G . -22.93 41.43 -19.09
O2 EDO G . -22.07 42.15 -19.96
UNK UNX H . -2.70 13.29 -13.00
C1 NAG I . -19.36 -33.16 16.68
C2 NAG I . -20.32 -34.31 16.41
C3 NAG I . -19.69 -35.68 16.65
C4 NAG I . -18.21 -35.66 16.27
C5 NAG I . -17.44 -34.58 17.04
C6 NAG I . -16.33 -34.02 16.15
C7 NAG I . -22.75 -33.91 16.62
C8 NAG I . -23.91 -33.69 17.54
N2 NAG I . -21.55 -34.10 17.18
O3 NAG I . -20.35 -36.63 15.84
O4 NAG I . -17.62 -36.94 16.49
O5 NAG I . -18.26 -33.51 17.52
O6 NAG I . -15.32 -33.47 16.95
O7 NAG I . -22.94 -33.89 15.39
C1 NAG J . -18.32 -9.63 21.18
C2 NAG J . -17.79 -8.52 20.23
C3 NAG J . -17.37 -7.24 20.98
C4 NAG J . -18.44 -6.88 22.02
C5 NAG J . -18.47 -8.10 22.95
C6 NAG J . -19.05 -7.83 24.33
C7 NAG J . -16.71 -9.38 18.17
C8 NAG J . -18.06 -9.28 17.49
N2 NAG J . -16.65 -9.01 19.46
O3 NAG J . -17.14 -6.20 20.06
O4 NAG J . -18.15 -5.66 22.68
O5 NAG J . -19.14 -9.12 22.23
O6 NAG J . -20.45 -7.70 24.23
O7 NAG J . -15.73 -9.78 17.54
C1 NAG K . 23.70 -17.49 16.01
C2 NAG K . 23.75 -17.66 17.53
C3 NAG K . 25.05 -17.08 18.09
C4 NAG K . 26.27 -17.57 17.31
C5 NAG K . 26.05 -17.40 15.81
C6 NAG K . 27.24 -17.89 14.99
C7 NAG K . 21.60 -17.73 18.64
C8 NAG K . 20.47 -16.95 19.25
N2 NAG K . 22.61 -17.01 18.15
O3 NAG K . 25.17 -17.41 19.45
O4 NAG K . 27.38 -16.82 17.74
O5 NAG K . 24.85 -18.07 15.42
O6 NAG K . 27.22 -19.30 14.97
O7 NAG K . 21.55 -18.97 18.60
ZN ZN L . 0.98 -15.08 13.14
C1 EDO M . -23.28 -29.81 34.41
O1 EDO M . -22.42 -30.90 34.43
C2 EDO M . -23.20 -29.10 35.73
O2 EDO M . -21.88 -29.24 36.19
UNK UNX N . -0.42 -12.43 13.96
#